data_6G79
#
_entry.id   6G79
#
_cell.length_a   1.000
_cell.length_b   1.000
_cell.length_c   1.000
_cell.angle_alpha   90.00
_cell.angle_beta   90.00
_cell.angle_gamma   90.00
#
_symmetry.space_group_name_H-M   'P 1'
#
loop_
_entity.id
_entity.type
_entity.pdbx_description
1 polymer 'Guanine nucleotide-binding protein G(I)/G(S)/G(T) subunit beta-1'
2 polymer 'Guanine nucleotide-binding protein G(I)/G(S)/G(O) subunit gamma-2'
3 polymer 'Guanine nucleotide-binding protein G(o) subunit alpha'
4 polymer '5-hydroxytryptamine receptor 1B'
5 non-polymer 2-[5-[2-[4-(4-cyanophenyl)piperazin-1-yl]-2-oxidanylidene-ethoxy]-1~{H}-indol-3-yl]ethylazanium
#
loop_
_entity_poly.entity_id
_entity_poly.type
_entity_poly.pdbx_seq_one_letter_code
_entity_poly.pdbx_strand_id
1 'polypeptide(L)'
;SELDQLRQEAEQLKNQIRDARKACADATLSQITNNIDPVGRIQMRTRRTLRGHLAKIYAMHWGTDSRLLVSASQDGKLII
WDSYTTNKVHAIPLRSSWVMTCAYAPSGNYVACGGLDNICSIYNLKTREGNVRVSRELAGHTGYLSCCRFLDDNQIVTSS
GDTTCALWDIETGQQTTTFTGHTGDVMSLSLAPDTRLFVSGACDASAKLWDVREGMCRQTFTGHESDINAICFFPNGNAF
ATGSDDATCRLFDLRADQELMTYSHDNIICGITSVSFSKSGRLLLAGYDDFNCNVWDALKADRAGVLAGHDNRVSCLGVT
DDGMAVATGSWDSFLKIWN
;
B
2 'polypeptide(L)' MASNNTASIAQARKLVEQLKMEANIDRIKVSKAAADLMAYCEAHAKEDPLLTPVPASENPFREKKFFSAIL G
3 'polypeptide(L)'
;TLSAEERAALERSKAIEKNLKEDGISAAKDVKLLLLGADNSGKSTIVKQMKIIHGGSGGSGGTTGIVETHFTFKNLHFRL
FDVGGQRSERKKWIHCFEDVTAIIFCVDLSDYNRMHESLMLFDSICNNKFFIDTSIILFLNKKDLFGEKIKKSPLTICFP
EYTGPNTYEDAAAYIQAQFESKNRSPNKEIYCHMTCATDTNNAQVIFDAVTDIIIANNLRGCGLY
;
A
4 'polypeptide(L)'
;MSAKDYIYQDSISLPWKVLLVMLLALITLATTLSNAFVIATVYRTRKLHTPANYLIASLAVTDLLVSILVMPISTMYTVT
GRWTLGQVVCDFWLSSDITCCTASIWHLCVIALDRYWAITDAVEYSAKRTPKRAAVMIALVWVFSISISLPPFFWRQAKA
EEEVSECVVNTDHILYTVYSTVGAFYFPTLLLIALYGRIYVEARSRILKQTPNRTGKRLTRAQLITDSPGSTSSVTSINS
RVPDVPSESGSPVYVNQVKVRVSDALLEKKKLMAARERKATKTLGIILGAFIVCWLPFFIISLVMPICKDACWFHLAIFD
FFTWLGYLNSLINPIIYTMSNEDFKQAFHKLIRFKCTSENLYFQ
;
S
#
loop_
_chem_comp.id
_chem_comp.type
_chem_comp.name
_chem_comp.formula
EP5 non-polymer 2-[5-[2-[4-(4-cyanophenyl)piperazin-1-yl]-2-oxidanylidene-ethoxy]-1~{H}-indol-3-yl]ethylazanium 'C23 H26 N5 O2 1'
#
# COMPACT_ATOMS: atom_id res chain seq x y z
N GLU A 2 -23.61 46.31 -6.09
CA GLU A 2 -23.44 45.74 -4.72
C GLU A 2 -22.49 44.54 -4.71
N LEU A 3 -22.82 43.53 -5.52
CA LEU A 3 -21.99 42.33 -5.67
C LEU A 3 -20.72 42.62 -6.47
N ASP A 4 -20.88 43.36 -7.56
CA ASP A 4 -19.76 43.79 -8.41
C ASP A 4 -18.87 44.83 -7.72
N GLN A 5 -19.49 45.72 -6.94
CA GLN A 5 -18.77 46.75 -6.17
C GLN A 5 -17.92 46.14 -5.04
N LEU A 6 -18.48 45.12 -4.38
CA LEU A 6 -17.76 44.37 -3.33
C LEU A 6 -16.59 43.56 -3.90
N ARG A 7 -16.79 42.96 -5.06
CA ARG A 7 -15.74 42.21 -5.77
C ARG A 7 -14.60 43.12 -6.27
N GLN A 8 -14.96 44.30 -6.74
CA GLN A 8 -13.99 45.31 -7.17
C GLN A 8 -13.15 45.86 -6.02
N GLU A 9 -13.81 46.09 -4.88
CA GLU A 9 -13.13 46.53 -3.65
C GLU A 9 -12.20 45.46 -3.06
N ALA A 10 -12.63 44.19 -3.15
CA ALA A 10 -11.83 43.05 -2.71
C ALA A 10 -10.60 42.83 -3.60
N GLU A 11 -10.79 43.02 -4.91
CA GLU A 11 -9.70 42.93 -5.88
C GLU A 11 -8.66 44.04 -5.72
N GLN A 12 -9.14 45.24 -5.36
CA GLN A 12 -8.26 46.39 -5.06
C GLN A 12 -7.41 46.17 -3.81
N LEU A 13 -8.02 45.56 -2.79
CA LEU A 13 -7.31 45.18 -1.56
C LEU A 13 -6.26 44.09 -1.80
N LYS A 14 -6.60 43.13 -2.66
CA LYS A 14 -5.66 42.07 -3.07
C LYS A 14 -4.50 42.62 -3.90
N ASN A 15 -4.80 43.58 -4.77
CA ASN A 15 -3.79 44.28 -5.57
C ASN A 15 -2.88 45.15 -4.69
N GLN A 16 -3.46 45.80 -3.69
CA GLN A 16 -2.72 46.57 -2.70
C GLN A 16 -1.85 45.67 -1.80
N ILE A 17 -2.36 44.48 -1.49
CA ILE A 17 -1.61 43.47 -0.73
C ILE A 17 -0.45 42.91 -1.53
N ARG A 18 -0.68 42.60 -2.81
CA ARG A 18 0.35 42.11 -3.72
C ARG A 18 1.46 43.14 -3.98
N ASP A 19 1.07 44.41 -4.07
CA ASP A 19 2.02 45.52 -4.21
C ASP A 19 2.85 45.75 -2.94
N ALA A 20 2.23 45.56 -1.78
CA ALA A 20 2.90 45.68 -0.48
C ALA A 20 3.96 44.59 -0.27
N ARG A 21 3.66 43.37 -0.72
CA ARG A 21 4.60 42.25 -0.64
C ARG A 21 5.81 42.43 -1.57
N LYS A 22 5.55 42.91 -2.78
CA LYS A 22 6.60 43.22 -3.76
C LYS A 22 7.49 44.39 -3.34
N ALA A 23 6.91 45.37 -2.66
CA ALA A 23 7.65 46.54 -2.13
C ALA A 23 8.63 46.13 -1.03
N CYS A 24 8.19 45.23 -0.16
CA CYS A 24 9.04 44.66 0.90
C CYS A 24 10.20 43.84 0.34
N ALA A 25 9.92 43.03 -0.69
CA ALA A 25 10.92 42.16 -1.31
C ALA A 25 12.00 42.94 -2.06
N ASP A 26 13.01 43.40 -1.33
CA ASP A 26 14.18 44.05 -1.89
C ASP A 26 15.14 43.00 -2.41
N ALA A 27 15.51 42.07 -1.53
CA ALA A 27 16.34 40.91 -1.87
C ALA A 27 15.53 39.62 -1.71
N THR A 28 16.14 38.50 -2.07
CA THR A 28 15.55 37.17 -1.91
C THR A 28 16.32 36.36 -0.85
N LEU A 29 15.70 35.26 -0.41
CA LEU A 29 16.33 34.33 0.55
C LEU A 29 17.51 33.60 -0.12
N SER A 30 17.32 33.16 -1.37
CA SER A 30 18.37 32.50 -2.15
C SER A 30 19.60 33.39 -2.39
N GLN A 31 19.39 34.70 -2.50
CA GLN A 31 20.46 35.67 -2.73
C GLN A 31 21.34 35.89 -1.50
N ILE A 32 20.71 36.18 -0.36
CA ILE A 32 21.43 36.47 0.90
C ILE A 32 22.11 35.23 1.51
N THR A 33 21.59 34.05 1.20
CA THR A 33 22.17 32.77 1.69
C THR A 33 23.07 32.06 0.66
N ASN A 34 23.46 32.76 -0.40
CA ASN A 34 24.39 32.22 -1.40
C ASN A 34 25.81 32.10 -0.85
N ASN A 35 26.23 33.11 -0.09
CA ASN A 35 27.54 33.13 0.57
C ASN A 35 27.70 32.08 1.70
N ILE A 36 26.58 31.67 2.30
CA ILE A 36 26.60 30.70 3.40
C ILE A 36 26.96 29.31 2.87
N ASP A 37 27.80 28.59 3.62
CA ASP A 37 28.22 27.24 3.26
C ASP A 37 27.09 26.24 3.52
N PRO A 38 26.86 25.30 2.58
CA PRO A 38 25.73 24.37 2.71
C PRO A 38 25.97 23.24 3.71
N VAL A 39 24.96 22.37 3.86
CA VAL A 39 25.03 21.22 4.76
C VAL A 39 25.98 20.16 4.18
N GLY A 40 25.76 19.82 2.91
CA GLY A 40 26.56 18.83 2.20
C GLY A 40 25.89 17.48 2.16
N ARG A 41 26.64 16.45 1.78
CA ARG A 41 26.13 15.08 1.68
C ARG A 41 26.01 14.44 3.06
N ILE A 42 24.91 14.78 3.75
CA ILE A 42 24.59 14.22 5.06
C ILE A 42 23.22 13.54 4.98
N GLN A 43 23.19 12.24 5.26
CA GLN A 43 21.97 11.45 5.29
C GLN A 43 21.95 10.59 6.55
N MET A 44 20.85 10.64 7.29
CA MET A 44 20.71 9.92 8.55
C MET A 44 20.53 8.42 8.31
N ARG A 45 21.20 7.61 9.13
CA ARG A 45 21.10 6.15 9.04
C ARG A 45 19.83 5.65 9.72
N THR A 46 19.31 4.52 9.24
CA THR A 46 18.11 3.91 9.79
C THR A 46 18.42 3.25 11.14
N ARG A 47 17.95 3.88 12.21
CA ARG A 47 18.20 3.40 13.58
C ARG A 47 17.30 2.20 13.90
N ARG A 48 16.00 2.38 13.73
CA ARG A 48 14.99 1.35 14.02
C ARG A 48 14.06 1.07 12.85
N THR A 49 13.32 -0.02 12.96
CA THR A 49 12.24 -0.37 12.04
C THR A 49 11.10 -0.97 12.87
N LEU A 50 10.12 -0.12 13.21
CA LEU A 50 9.02 -0.51 14.08
C LEU A 50 7.99 -1.37 13.32
N ARG A 51 8.09 -2.68 13.50
CA ARG A 51 7.27 -3.67 12.81
C ARG A 51 6.10 -4.12 13.68
N GLY A 52 4.94 -3.49 13.50
CA GLY A 52 3.70 -3.95 14.14
C GLY A 52 2.42 -3.30 13.65
N HIS A 53 2.34 -3.04 12.34
CA HIS A 53 1.16 -2.47 11.71
C HIS A 53 0.74 -3.37 10.53
N LEU A 54 -0.56 -3.56 10.39
CA LEU A 54 -1.12 -4.49 9.41
C LEU A 54 -1.45 -3.75 8.11
N ALA A 55 -2.21 -2.67 8.24
CA ALA A 55 -2.63 -1.82 7.13
C ALA A 55 -1.72 -0.59 7.04
N LYS A 56 -2.02 0.30 6.08
CA LYS A 56 -1.25 1.52 5.87
C LYS A 56 -1.31 2.50 7.05
N ILE A 57 -0.15 2.90 7.55
CA ILE A 57 -0.04 3.92 8.59
C ILE A 57 -0.32 5.28 7.95
N TYR A 58 -1.31 5.99 8.48
CA TYR A 58 -1.74 7.29 7.94
C TYR A 58 -1.24 8.52 8.70
N ALA A 59 -0.91 8.35 9.98
CA ALA A 59 -0.37 9.46 10.78
C ALA A 59 0.44 8.98 11.98
N MET A 60 1.36 9.83 12.42
CA MET A 60 2.13 9.62 13.63
C MET A 60 2.55 10.95 14.25
N HIS A 61 2.88 10.92 15.54
CA HIS A 61 3.30 12.12 16.26
C HIS A 61 4.12 11.78 17.50
N TRP A 62 5.24 12.47 17.66
CA TRP A 62 6.09 12.32 18.85
C TRP A 62 5.48 13.02 20.06
N GLY A 63 5.92 12.60 21.24
CA GLY A 63 5.57 13.28 22.50
C GLY A 63 6.53 14.42 22.78
N THR A 64 6.39 15.00 23.98
CA THR A 64 7.26 16.11 24.42
C THR A 64 8.64 15.62 24.82
N ASP A 65 8.67 14.52 25.58
CA ASP A 65 9.91 13.85 26.01
C ASP A 65 10.84 13.35 24.89
N SER A 66 10.30 13.14 23.68
CA SER A 66 11.02 12.55 22.54
C SER A 66 11.43 11.10 22.82
N ARG A 67 10.56 10.40 23.55
CA ARG A 67 10.79 9.01 23.96
C ARG A 67 9.77 8.11 23.28
N LEU A 68 8.49 8.36 23.57
CA LEU A 68 7.38 7.62 22.98
C LEU A 68 6.85 8.34 21.74
N LEU A 69 6.41 7.55 20.76
CA LEU A 69 5.76 8.07 19.56
C LEU A 69 4.48 7.28 19.30
N VAL A 70 3.41 7.99 18.97
CA VAL A 70 2.11 7.38 18.66
C VAL A 70 1.99 7.26 17.14
N SER A 71 1.29 6.22 16.69
CA SER A 71 1.06 5.99 15.26
C SER A 71 -0.32 5.35 15.01
N ALA A 72 -1.13 6.03 14.21
CA ALA A 72 -2.47 5.57 13.83
C ALA A 72 -2.42 4.94 12.44
N SER A 73 -3.20 3.87 12.25
CA SER A 73 -3.23 3.11 10.98
C SER A 73 -4.63 2.64 10.61
N GLN A 74 -4.80 2.28 9.34
CA GLN A 74 -6.10 1.81 8.81
C GLN A 74 -6.55 0.43 9.29
N ASP A 75 -5.68 -0.26 10.04
CA ASP A 75 -6.04 -1.53 10.71
C ASP A 75 -7.16 -1.41 11.74
N GLY A 76 -7.38 -0.19 12.25
CA GLY A 76 -8.25 0.03 13.41
C GLY A 76 -7.44 -0.18 14.68
N LYS A 77 -6.20 0.32 14.66
CA LYS A 77 -5.24 0.13 15.73
C LYS A 77 -4.35 1.35 15.83
N LEU A 78 -4.23 1.87 17.05
CA LEU A 78 -3.43 3.06 17.34
C LEU A 78 -2.39 2.70 18.39
N ILE A 79 -1.15 2.54 17.93
CA ILE A 79 -0.06 1.99 18.75
C ILE A 79 0.84 3.12 19.25
N ILE A 80 1.13 3.10 20.55
CA ILE A 80 2.10 4.00 21.18
C ILE A 80 3.39 3.21 21.36
N TRP A 81 4.41 3.60 20.60
CA TRP A 81 5.71 2.91 20.59
C TRP A 81 6.68 3.50 21.61
N ASP A 82 7.81 2.83 21.76
CA ASP A 82 8.96 3.34 22.48
C ASP A 82 10.15 3.36 21.53
N SER A 83 10.66 4.56 21.22
CA SER A 83 11.72 4.75 20.23
C SER A 83 13.06 4.12 20.65
N TYR A 84 13.38 4.19 21.94
CA TYR A 84 14.63 3.61 22.47
C TYR A 84 14.60 2.09 22.43
N THR A 85 13.55 1.52 23.03
CA THR A 85 13.43 0.07 23.22
C THR A 85 12.80 -0.70 22.04
N THR A 86 12.38 0.01 20.99
CA THR A 86 11.61 -0.55 19.85
C THR A 86 10.58 -1.59 20.30
N ASN A 87 9.68 -1.13 21.15
CA ASN A 87 8.75 -1.98 21.90
C ASN A 87 7.40 -1.30 22.05
N LYS A 88 6.35 -2.10 22.16
CA LYS A 88 4.97 -1.60 22.25
C LYS A 88 4.69 -1.17 23.70
N VAL A 89 4.22 0.06 23.87
CA VAL A 89 3.82 0.59 25.19
C VAL A 89 2.31 0.43 25.37
N HIS A 90 1.56 0.94 24.41
CA HIS A 90 0.10 0.77 24.34
C HIS A 90 -0.33 0.40 22.92
N ALA A 91 -1.54 -0.17 22.83
CA ALA A 91 -2.14 -0.54 21.54
C ALA A 91 -3.65 -0.37 21.63
N ILE A 92 -4.12 0.85 21.35
CA ILE A 92 -5.50 1.24 21.59
C ILE A 92 -6.36 0.86 20.38
N PRO A 93 -7.39 0.00 20.58
CA PRO A 93 -8.30 -0.35 19.50
C PRO A 93 -9.32 0.75 19.24
N LEU A 94 -9.38 1.24 18.00
CA LEU A 94 -10.22 2.38 17.65
C LEU A 94 -11.69 1.98 17.46
N ARG A 95 -12.57 2.99 17.56
CA ARG A 95 -14.00 2.79 17.35
C ARG A 95 -14.29 2.55 15.88
N SER A 96 -13.87 3.50 15.05
CA SER A 96 -13.89 3.36 13.59
C SER A 96 -12.55 2.80 13.13
N SER A 97 -12.59 1.97 12.08
CA SER A 97 -11.38 1.34 11.53
C SER A 97 -10.44 2.34 10.83
N TRP A 98 -11.01 3.43 10.32
CA TRP A 98 -10.25 4.43 9.56
C TRP A 98 -9.80 5.55 10.48
N VAL A 99 -8.63 6.11 10.16
CA VAL A 99 -8.01 7.15 10.97
C VAL A 99 -7.00 7.92 10.10
N MET A 100 -7.30 9.19 9.84
CA MET A 100 -6.49 10.03 8.96
C MET A 100 -5.55 10.97 9.72
N THR A 101 -5.71 11.05 11.04
CA THR A 101 -4.87 11.89 11.88
C THR A 101 -4.61 11.27 13.25
N CYS A 102 -3.57 11.77 13.90
CA CYS A 102 -3.22 11.35 15.24
C CYS A 102 -2.43 12.45 15.95
N ALA A 103 -2.61 12.52 17.26
CA ALA A 103 -1.87 13.45 18.10
C ALA A 103 -1.59 12.85 19.47
N TYR A 104 -0.60 13.44 20.14
CA TYR A 104 -0.15 12.99 21.45
C TYR A 104 0.18 14.23 22.27
N ALA A 105 -0.40 14.32 23.46
CA ALA A 105 -0.37 15.54 24.25
C ALA A 105 1.05 15.91 24.71
N PRO A 106 1.31 17.22 24.90
CA PRO A 106 2.62 17.65 25.41
C PRO A 106 2.89 17.23 26.86
N SER A 107 1.82 17.11 27.65
CA SER A 107 1.90 16.59 29.02
C SER A 107 2.28 15.10 29.07
N GLY A 108 1.88 14.35 28.04
CA GLY A 108 2.12 12.91 27.96
C GLY A 108 1.04 12.12 28.69
N ASN A 109 -0.22 12.53 28.48
CA ASN A 109 -1.38 11.93 29.15
C ASN A 109 -2.43 11.49 28.14
N TYR A 110 -2.94 12.44 27.35
CA TYR A 110 -4.00 12.20 26.38
C TYR A 110 -3.47 11.89 24.99
N VAL A 111 -4.25 11.10 24.24
CA VAL A 111 -3.92 10.69 22.88
C VAL A 111 -5.17 10.88 22.02
N ALA A 112 -5.04 11.67 20.94
CA ALA A 112 -6.16 12.02 20.08
C ALA A 112 -6.05 11.31 18.73
N CYS A 113 -7.20 11.09 18.10
CA CYS A 113 -7.27 10.47 16.78
C CYS A 113 -8.63 10.71 16.14
N GLY A 114 -8.65 10.69 14.81
CA GLY A 114 -9.89 10.85 14.06
C GLY A 114 -9.69 10.60 12.58
N GLY A 115 -10.80 10.61 11.84
CA GLY A 115 -10.76 10.38 10.41
C GLY A 115 -12.12 10.52 9.76
N LEU A 116 -12.61 9.42 9.19
CA LEU A 116 -13.92 9.40 8.51
C LEU A 116 -15.12 9.32 9.47
N ASP A 117 -14.85 9.13 10.76
CA ASP A 117 -15.86 9.24 11.81
C ASP A 117 -16.43 10.66 12.00
N ASN A 118 -15.65 11.67 11.63
CA ASN A 118 -15.94 13.09 11.89
C ASN A 118 -15.90 13.42 13.39
N ILE A 119 -15.10 12.65 14.13
CA ILE A 119 -15.00 12.76 15.59
C ILE A 119 -13.52 12.65 15.98
N CYS A 120 -13.08 13.55 16.84
CA CYS A 120 -11.72 13.51 17.41
C CYS A 120 -11.76 12.75 18.75
N SER A 121 -11.60 11.42 18.66
CA SER A 121 -11.67 10.55 19.83
C SER A 121 -10.39 10.63 20.67
N ILE A 122 -10.56 11.06 21.93
CA ILE A 122 -9.44 11.22 22.87
C ILE A 122 -9.35 10.00 23.79
N TYR A 123 -8.12 9.62 24.12
CA TYR A 123 -7.83 8.45 24.99
C TYR A 123 -6.89 8.84 26.12
N ASN A 124 -7.33 8.65 27.36
CA ASN A 124 -6.52 8.94 28.55
C ASN A 124 -5.64 7.73 28.90
N LEU A 125 -4.32 7.96 28.99
CA LEU A 125 -3.37 6.93 29.41
C LEU A 125 -3.23 6.92 30.93
N ASN A 131 -5.62 0.65 32.28
CA ASN A 131 -6.55 0.52 31.16
C ASN A 131 -6.70 1.82 30.37
N VAL A 132 -7.17 1.70 29.13
CA VAL A 132 -7.39 2.84 28.23
C VAL A 132 -8.83 2.80 27.72
N ARG A 133 -9.44 3.98 27.60
CA ARG A 133 -10.83 4.13 27.13
C ARG A 133 -11.10 5.54 26.63
N VAL A 134 -12.28 5.74 26.04
CA VAL A 134 -12.68 7.04 25.48
C VAL A 134 -13.00 8.01 26.62
N SER A 135 -12.35 9.17 26.60
CA SER A 135 -12.54 10.20 27.63
C SER A 135 -13.63 11.20 27.20
N ARG A 136 -13.46 11.78 26.01
CA ARG A 136 -14.41 12.74 25.46
C ARG A 136 -14.40 12.69 23.92
N GLU A 137 -15.46 12.11 23.35
CA GLU A 137 -15.63 12.03 21.90
C GLU A 137 -16.09 13.39 21.36
N LEU A 138 -15.16 14.12 20.75
CA LEU A 138 -15.40 15.48 20.25
C LEU A 138 -16.15 15.46 18.92
N ALA A 139 -17.47 15.26 19.00
CA ALA A 139 -18.33 15.14 17.82
C ALA A 139 -19.06 16.45 17.50
N GLY A 140 -18.57 17.15 16.48
CA GLY A 140 -19.27 18.33 15.96
C GLY A 140 -18.79 18.89 14.62
N HIS A 141 -18.33 18.03 13.72
CA HIS A 141 -17.85 18.43 12.38
C HIS A 141 -18.70 17.78 11.29
N THR A 142 -18.91 18.53 10.21
CA THR A 142 -19.73 18.09 9.08
C THR A 142 -19.03 17.03 8.22
N GLY A 143 -17.69 17.06 8.19
CA GLY A 143 -16.89 16.19 7.32
C GLY A 143 -15.79 15.47 8.07
N TYR A 144 -14.93 14.78 7.31
CA TYR A 144 -13.85 13.97 7.88
C TYR A 144 -12.82 14.80 8.65
N LEU A 145 -12.31 14.25 9.74
CA LEU A 145 -11.25 14.90 10.53
C LEU A 145 -9.92 14.70 9.83
N SER A 146 -9.28 15.80 9.43
CA SER A 146 -8.08 15.76 8.58
C SER A 146 -6.78 15.87 9.39
N CYS A 147 -6.75 16.79 10.35
CA CYS A 147 -5.63 16.91 11.29
C CYS A 147 -6.07 17.51 12.62
N CYS A 148 -5.31 17.19 13.67
CA CYS A 148 -5.58 17.68 15.02
C CYS A 148 -4.30 17.69 15.84
N ARG A 149 -4.15 18.70 16.71
CA ARG A 149 -2.97 18.82 17.59
C ARG A 149 -3.34 19.39 18.96
N PHE A 150 -2.71 18.87 20.01
CA PHE A 150 -2.95 19.32 21.39
C PHE A 150 -2.28 20.67 21.66
N LEU A 151 -3.06 21.62 22.16
CA LEU A 151 -2.53 22.90 22.67
C LEU A 151 -2.00 22.69 24.08
N ASP A 152 -2.88 22.16 24.94
CA ASP A 152 -2.55 21.83 26.33
C ASP A 152 -3.29 20.54 26.72
N ASP A 153 -3.29 20.21 28.00
CA ASP A 153 -4.05 19.05 28.51
C ASP A 153 -5.56 19.24 28.43
N ASN A 154 -6.01 20.48 28.55
CA ASN A 154 -7.43 20.84 28.46
C ASN A 154 -7.88 21.08 27.02
N GLN A 155 -7.19 22.00 26.35
CA GLN A 155 -7.55 22.43 24.99
C GLN A 155 -6.97 21.53 23.90
N ILE A 156 -7.64 21.51 22.76
CA ILE A 156 -7.17 20.81 21.56
C ILE A 156 -7.80 21.44 20.30
N VAL A 157 -7.00 21.57 19.24
CA VAL A 157 -7.45 22.17 17.97
C VAL A 157 -7.57 21.08 16.89
N THR A 158 -8.53 21.26 15.99
CA THR A 158 -8.83 20.29 14.92
C THR A 158 -9.13 20.99 13.59
N SER A 159 -8.69 20.37 12.49
CA SER A 159 -9.13 20.73 11.13
C SER A 159 -10.09 19.66 10.63
N SER A 160 -10.72 19.91 9.49
CA SER A 160 -11.68 18.98 8.90
C SER A 160 -11.94 19.21 7.41
N GLY A 161 -12.63 18.24 6.81
CA GLY A 161 -13.13 18.33 5.44
C GLY A 161 -14.40 19.18 5.28
N ASP A 162 -14.95 19.64 6.41
CA ASP A 162 -16.06 20.60 6.41
C ASP A 162 -15.70 22.04 6.06
N THR A 163 -14.44 22.30 5.70
CA THR A 163 -13.94 23.63 5.27
C THR A 163 -13.61 24.55 6.46
N THR A 164 -13.70 24.03 7.69
CA THR A 164 -13.56 24.83 8.91
C THR A 164 -12.78 24.09 9.99
N CYS A 165 -11.74 24.74 10.50
CA CYS A 165 -11.05 24.27 11.71
C CYS A 165 -11.86 24.68 12.94
N ALA A 166 -11.55 24.05 14.08
CA ALA A 166 -12.29 24.31 15.32
C ALA A 166 -11.49 23.94 16.56
N LEU A 167 -11.42 24.87 17.51
CA LEU A 167 -10.81 24.63 18.82
C LEU A 167 -11.83 23.94 19.74
N TRP A 168 -11.35 23.01 20.55
CA TRP A 168 -12.18 22.22 21.45
C TRP A 168 -11.75 22.34 22.91
N ASP A 169 -12.65 21.91 23.80
CA ASP A 169 -12.37 21.79 25.24
C ASP A 169 -12.71 20.36 25.66
N ILE A 170 -11.71 19.65 26.17
CA ILE A 170 -11.85 18.21 26.51
C ILE A 170 -12.73 17.99 27.75
N GLU A 171 -12.57 18.86 28.76
CA GLU A 171 -13.36 18.78 30.00
C GLU A 171 -14.85 19.01 29.75
N THR A 172 -15.17 20.08 29.02
CA THR A 172 -16.55 20.41 28.66
C THR A 172 -17.11 19.48 27.60
N GLY A 173 -16.35 19.31 26.52
CA GLY A 173 -16.75 18.50 25.36
C GLY A 173 -17.59 19.31 24.40
N GLN A 174 -17.02 20.42 23.94
CA GLN A 174 -17.69 21.34 23.03
C GLN A 174 -16.71 22.28 22.33
N GLN A 175 -17.14 22.83 21.20
CA GLN A 175 -16.33 23.79 20.43
C GLN A 175 -16.31 25.15 21.11
N THR A 176 -15.10 25.61 21.45
CA THR A 176 -14.91 26.93 22.07
C THR A 176 -15.06 28.03 21.01
N THR A 177 -14.30 27.88 19.93
CA THR A 177 -14.35 28.81 18.79
C THR A 177 -14.12 28.07 17.46
N THR A 178 -14.87 28.49 16.43
CA THR A 178 -14.79 27.91 15.10
C THR A 178 -14.02 28.85 14.18
N PHE A 179 -13.01 28.32 13.49
CA PHE A 179 -12.20 29.08 12.53
C PHE A 179 -12.75 28.85 11.12
N THR A 180 -13.31 29.90 10.53
CA THR A 180 -13.90 29.86 9.18
C THR A 180 -13.11 30.77 8.25
N GLY A 181 -12.89 30.32 7.02
CA GLY A 181 -12.09 31.10 6.06
C GLY A 181 -11.76 30.42 4.74
N HIS A 182 -11.39 29.15 4.78
CA HIS A 182 -10.99 28.40 3.59
C HIS A 182 -12.13 28.17 2.60
N THR A 183 -11.77 27.78 1.38
CA THR A 183 -12.73 27.49 0.31
C THR A 183 -12.94 25.97 0.20
N GLY A 184 -11.84 25.24 0.04
CA GLY A 184 -11.86 23.78 -0.02
C GLY A 184 -11.55 23.15 1.33
N ASP A 185 -11.52 21.82 1.34
CA ASP A 185 -11.30 21.04 2.57
C ASP A 185 -9.90 21.27 3.15
N VAL A 186 -9.83 21.46 4.47
CA VAL A 186 -8.56 21.66 5.17
C VAL A 186 -7.91 20.30 5.39
N MET A 187 -6.63 20.19 5.08
CA MET A 187 -5.88 18.92 5.17
C MET A 187 -5.02 18.82 6.42
N SER A 188 -4.22 19.85 6.67
CA SER A 188 -3.29 19.85 7.81
C SER A 188 -3.29 21.17 8.56
N LEU A 189 -2.72 21.11 9.76
CA LEU A 189 -2.44 22.29 10.59
C LEU A 189 -1.12 22.11 11.31
N SER A 190 -0.65 23.18 11.94
CA SER A 190 0.57 23.14 12.75
C SER A 190 0.59 24.27 13.78
N LEU A 191 0.72 23.89 15.05
CA LEU A 191 0.80 24.85 16.14
C LEU A 191 2.18 25.49 16.22
N ALA A 192 2.23 26.72 16.69
CA ALA A 192 3.48 27.42 16.97
C ALA A 192 4.07 26.91 18.30
N PRO A 193 5.36 27.20 18.56
CA PRO A 193 5.96 26.90 19.88
C PRO A 193 5.26 27.61 21.05
N ASP A 194 4.90 28.87 20.83
CA ASP A 194 4.15 29.66 21.82
C ASP A 194 2.72 29.14 22.07
N THR A 195 2.13 28.53 21.04
CA THR A 195 0.74 28.02 21.05
C THR A 195 -0.31 29.14 21.16
N ARG A 196 0.06 30.32 20.67
CA ARG A 196 -0.82 31.49 20.60
C ARG A 196 -1.44 31.63 19.21
N LEU A 197 -0.66 31.34 18.17
CA LEU A 197 -1.12 31.32 16.78
C LEU A 197 -0.84 29.95 16.13
N PHE A 198 -1.57 29.65 15.06
CA PHE A 198 -1.33 28.44 14.25
C PHE A 198 -1.70 28.66 12.77
N VAL A 199 -1.28 27.71 11.94
CA VAL A 199 -1.49 27.75 10.47
C VAL A 199 -2.23 26.50 9.99
N SER A 200 -2.71 26.54 8.75
CA SER A 200 -3.44 25.41 8.16
C SER A 200 -3.54 25.49 6.64
N GLY A 201 -2.96 24.50 5.97
CA GLY A 201 -3.07 24.36 4.51
C GLY A 201 -4.35 23.65 4.12
N ALA A 202 -4.87 23.99 2.93
CA ALA A 202 -6.17 23.50 2.47
C ALA A 202 -6.13 23.02 1.02
N CYS A 203 -7.26 22.45 0.56
CA CYS A 203 -7.41 21.96 -0.82
C CYS A 203 -7.46 23.07 -1.88
N ASP A 204 -7.76 24.30 -1.45
CA ASP A 204 -7.80 25.47 -2.35
C ASP A 204 -6.45 26.17 -2.56
N ALA A 205 -5.35 25.49 -2.24
CA ALA A 205 -3.98 25.99 -2.46
C ALA A 205 -3.71 27.31 -1.71
N SER A 206 -3.98 27.30 -0.41
CA SER A 206 -3.81 28.50 0.42
C SER A 206 -3.71 28.19 1.91
N ALA A 207 -2.58 28.59 2.51
CA ALA A 207 -2.40 28.54 3.96
C ALA A 207 -2.98 29.79 4.61
N LYS A 208 -3.41 29.67 5.87
CA LYS A 208 -4.03 30.76 6.62
C LYS A 208 -3.58 30.78 8.07
N LEU A 209 -2.99 31.89 8.50
CA LEU A 209 -2.55 32.08 9.89
C LEU A 209 -3.75 32.48 10.76
N TRP A 210 -3.98 31.70 11.81
CA TRP A 210 -5.09 31.94 12.75
C TRP A 210 -4.58 32.45 14.09
N ASP A 211 -5.51 32.90 14.93
CA ASP A 211 -5.24 33.34 16.30
C ASP A 211 -6.07 32.50 17.28
N VAL A 212 -5.41 31.89 18.25
CA VAL A 212 -6.05 30.92 19.16
C VAL A 212 -7.06 31.60 20.09
N ARG A 213 -6.61 32.66 20.78
CA ARG A 213 -7.45 33.40 21.73
C ARG A 213 -8.51 34.25 21.02
N GLU A 214 -8.10 34.94 19.96
CA GLU A 214 -8.98 35.86 19.22
C GLU A 214 -10.05 35.13 18.41
N GLY A 215 -9.61 34.16 17.61
CA GLY A 215 -10.51 33.39 16.74
C GLY A 215 -10.82 34.15 15.46
N MET A 216 -9.76 34.42 14.69
CA MET A 216 -9.87 35.17 13.43
C MET A 216 -8.64 34.94 12.55
N CYS A 217 -8.85 35.00 11.24
CA CYS A 217 -7.78 34.84 10.25
C CYS A 217 -6.92 36.11 10.19
N ARG A 218 -5.64 35.97 10.51
CA ARG A 218 -4.70 37.10 10.51
C ARG A 218 -4.25 37.45 9.10
N GLN A 219 -3.78 36.43 8.36
CA GLN A 219 -3.29 36.63 6.99
C GLN A 219 -3.26 35.33 6.18
N THR A 220 -3.43 35.47 4.86
CA THR A 220 -3.49 34.35 3.92
C THR A 220 -2.20 34.29 3.10
N PHE A 221 -1.79 33.07 2.73
CA PHE A 221 -0.61 32.83 1.91
C PHE A 221 -1.00 32.01 0.69
N THR A 222 -0.61 32.47 -0.50
CA THR A 222 -0.98 31.82 -1.77
C THR A 222 0.23 31.68 -2.70
N GLY A 223 1.04 30.65 -2.44
CA GLY A 223 2.18 30.30 -3.29
C GLY A 223 1.95 29.09 -4.18
N HIS A 224 1.26 28.08 -3.65
CA HIS A 224 1.06 26.80 -4.35
C HIS A 224 -0.01 26.88 -5.42
N GLU A 225 0.06 25.94 -6.37
CA GLU A 225 -0.93 25.80 -7.44
C GLU A 225 -2.00 24.78 -7.04
N SER A 226 -1.54 23.56 -6.73
CA SER A 226 -2.41 22.46 -6.34
C SER A 226 -2.69 22.47 -4.84
N ASP A 227 -3.49 21.51 -4.38
CA ASP A 227 -3.92 21.41 -2.98
C ASP A 227 -2.77 21.20 -2.00
N ILE A 228 -2.76 21.98 -0.92
CA ILE A 228 -1.78 21.85 0.15
C ILE A 228 -2.18 20.70 1.07
N ASN A 229 -1.33 19.68 1.15
CA ASN A 229 -1.57 18.49 1.97
C ASN A 229 -1.05 18.66 3.38
N ALA A 230 0.20 19.13 3.49
CA ALA A 230 0.88 19.27 4.79
C ALA A 230 1.30 20.71 5.09
N ILE A 231 1.65 20.93 6.36
CA ILE A 231 2.13 22.22 6.84
C ILE A 231 2.89 22.02 8.16
N CYS A 232 3.94 22.82 8.37
CA CYS A 232 4.73 22.75 9.61
C CYS A 232 5.46 24.05 9.91
N PHE A 233 5.46 24.43 11.19
CA PHE A 233 6.07 25.69 11.65
C PHE A 233 7.60 25.64 11.68
N PHE A 234 8.21 26.80 11.54
CA PHE A 234 9.66 26.98 11.70
C PHE A 234 9.93 27.16 13.20
N PRO A 235 10.97 26.49 13.75
CA PRO A 235 11.30 26.47 15.19
C PRO A 235 11.11 27.76 16.00
N ASN A 236 11.44 28.91 15.41
CA ASN A 236 11.30 30.21 16.10
C ASN A 236 9.84 30.70 16.22
N GLY A 237 9.02 30.36 15.23
CA GLY A 237 7.61 30.77 15.18
C GLY A 237 7.33 32.05 14.41
N ASN A 238 8.14 32.32 13.39
CA ASN A 238 7.93 33.44 12.46
C ASN A 238 7.98 33.00 10.98
N ALA A 239 7.80 31.70 10.74
CA ALA A 239 7.84 31.13 9.40
C ALA A 239 7.28 29.71 9.40
N PHE A 240 7.02 29.18 8.21
CA PHE A 240 6.50 27.81 8.06
C PHE A 240 6.67 27.28 6.64
N ALA A 241 6.76 25.94 6.53
CA ALA A 241 6.83 25.25 5.24
C ALA A 241 5.52 24.51 4.98
N THR A 242 5.25 24.23 3.70
CA THR A 242 4.01 23.58 3.28
C THR A 242 4.25 22.64 2.10
N GLY A 243 3.89 21.37 2.28
CA GLY A 243 3.91 20.38 1.20
C GLY A 243 2.58 20.38 0.46
N SER A 244 2.64 20.25 -0.87
CA SER A 244 1.46 20.32 -1.75
C SER A 244 1.42 19.21 -2.79
N ASP A 245 0.30 19.14 -3.50
CA ASP A 245 0.13 18.22 -4.63
C ASP A 245 0.94 18.60 -5.87
N ASP A 246 1.40 19.86 -5.93
CA ASP A 246 2.24 20.37 -7.02
C ASP A 246 3.71 19.93 -7.00
N ALA A 247 4.11 19.12 -6.01
CA ALA A 247 5.48 18.58 -5.88
C ALA A 247 6.51 19.67 -5.58
N THR A 248 6.11 20.64 -4.76
CA THR A 248 6.95 21.78 -4.41
C THR A 248 6.68 22.21 -2.96
N CYS A 249 7.71 22.10 -2.10
CA CYS A 249 7.65 22.65 -0.75
C CYS A 249 7.93 24.15 -0.83
N ARG A 250 7.16 24.95 -0.08
CA ARG A 250 7.25 26.41 -0.13
C ARG A 250 7.35 27.02 1.26
N LEU A 251 8.46 27.71 1.53
CA LEU A 251 8.64 28.45 2.78
C LEU A 251 7.91 29.79 2.72
N PHE A 252 7.37 30.22 3.85
CA PHE A 252 6.66 31.50 3.99
C PHE A 252 7.10 32.21 5.26
N ASP A 253 7.06 33.55 5.21
CA ASP A 253 7.37 34.40 6.38
C ASP A 253 6.09 35.05 6.90
N LEU A 254 5.88 34.98 8.21
CA LEU A 254 4.74 35.64 8.85
C LEU A 254 4.93 37.15 8.96
N ARG A 255 6.17 37.58 9.23
CA ARG A 255 6.53 38.99 9.29
C ARG A 255 6.44 39.67 7.93
N ALA A 256 7.09 39.06 6.93
CA ALA A 256 7.07 39.55 5.55
C ALA A 256 5.72 39.34 4.84
N ASP A 257 5.01 38.28 5.23
CA ASP A 257 3.68 37.92 4.67
C ASP A 257 3.77 37.58 3.17
N GLN A 258 4.73 36.71 2.82
CA GLN A 258 4.97 36.30 1.44
C GLN A 258 5.82 35.03 1.34
N GLU A 259 5.82 34.43 0.15
CA GLU A 259 6.61 33.22 -0.13
C GLU A 259 8.08 33.56 -0.25
N LEU A 260 8.87 33.11 0.72
CA LEU A 260 10.32 33.36 0.74
C LEU A 260 11.06 32.52 -0.29
N MET A 261 10.84 31.21 -0.22
CA MET A 261 11.63 30.22 -0.97
C MET A 261 10.80 29.01 -1.37
N THR A 262 11.10 28.46 -2.55
CA THR A 262 10.45 27.27 -3.08
C THR A 262 11.49 26.16 -3.28
N TYR A 263 11.24 25.01 -2.67
CA TYR A 263 12.11 23.83 -2.80
C TYR A 263 11.44 22.85 -3.77
N SER A 264 12.13 22.50 -4.85
CA SER A 264 11.56 21.67 -5.90
C SER A 264 12.63 21.02 -6.79
N HIS A 265 12.17 20.06 -7.59
CA HIS A 265 13.03 19.33 -8.54
C HIS A 265 12.17 18.75 -9.67
N ASP A 266 12.73 18.68 -10.86
CA ASP A 266 12.00 18.23 -12.05
C ASP A 266 11.68 16.73 -12.03
N ASN A 267 12.64 15.93 -11.56
CA ASN A 267 12.45 14.48 -11.37
C ASN A 267 11.33 14.14 -10.37
N ILE A 268 11.22 14.95 -9.32
CA ILE A 268 10.17 14.79 -8.30
C ILE A 268 8.84 15.28 -8.87
N ILE A 269 8.02 14.34 -9.34
CA ILE A 269 6.73 14.63 -9.99
C ILE A 269 5.55 14.59 -9.03
N CYS A 270 5.55 13.63 -8.10
CA CYS A 270 4.46 13.43 -7.15
C CYS A 270 4.45 14.45 -6.02
N GLY A 271 3.28 14.65 -5.42
CA GLY A 271 3.09 15.62 -4.35
C GLY A 271 3.69 15.22 -3.01
N ILE A 272 3.71 16.17 -2.09
CA ILE A 272 4.28 15.98 -0.74
C ILE A 272 3.16 15.62 0.24
N THR A 273 3.45 14.64 1.09
CA THR A 273 2.48 14.11 2.07
C THR A 273 2.63 14.72 3.47
N SER A 274 3.88 14.88 3.91
CA SER A 274 4.18 15.49 5.21
C SER A 274 5.53 16.19 5.21
N VAL A 275 5.65 17.25 6.01
CA VAL A 275 6.87 18.05 6.13
C VAL A 275 7.16 18.37 7.60
N SER A 276 8.44 18.52 7.93
CA SER A 276 8.87 18.86 9.28
C SER A 276 10.31 19.39 9.31
N PHE A 277 10.55 20.37 10.18
CA PHE A 277 11.88 20.97 10.37
C PHE A 277 12.66 20.26 11.48
N SER A 278 13.97 20.46 11.45
CA SER A 278 14.88 19.99 12.50
C SER A 278 14.79 20.92 13.73
N LYS A 279 15.58 20.62 14.76
CA LYS A 279 15.64 21.44 15.97
C LYS A 279 16.06 22.88 15.70
N SER A 280 17.12 23.03 14.93
CA SER A 280 17.61 24.34 14.48
C SER A 280 16.69 24.98 13.44
N GLY A 281 16.21 24.16 12.51
CA GLY A 281 15.40 24.61 11.38
C GLY A 281 16.19 24.80 10.09
N ARG A 282 17.44 24.33 10.08
CA ARG A 282 18.28 24.35 8.87
C ARG A 282 17.81 23.29 7.89
N LEU A 283 17.69 22.06 8.38
CA LEU A 283 17.14 20.95 7.58
C LEU A 283 15.62 21.03 7.56
N LEU A 284 15.05 20.97 6.35
CA LEU A 284 13.61 20.84 6.15
C LEU A 284 13.33 19.51 5.45
N LEU A 285 12.84 18.54 6.21
CA LEU A 285 12.48 17.23 5.66
C LEU A 285 11.10 17.28 5.03
N ALA A 286 10.88 16.41 4.05
CA ALA A 286 9.64 16.37 3.28
C ALA A 286 9.39 14.97 2.73
N GLY A 287 8.24 14.40 3.06
CA GLY A 287 7.87 13.05 2.65
C GLY A 287 7.02 13.07 1.39
N TYR A 288 7.52 12.41 0.34
CA TYR A 288 6.89 12.43 -0.98
C TYR A 288 6.11 11.16 -1.28
N ASP A 289 5.34 11.19 -2.35
CA ASP A 289 4.49 10.07 -2.78
C ASP A 289 5.20 8.98 -3.62
N ASP A 290 6.50 9.14 -3.85
CA ASP A 290 7.30 8.15 -4.61
C ASP A 290 8.23 7.31 -3.71
N PHE A 291 7.73 6.94 -2.52
CA PHE A 291 8.41 6.07 -1.56
C PHE A 291 9.71 6.64 -0.95
N ASN A 292 9.90 7.96 -1.02
CA ASN A 292 11.13 8.61 -0.57
C ASN A 292 10.84 9.85 0.29
N CYS A 293 11.89 10.33 0.96
CA CYS A 293 11.81 11.50 1.82
C CYS A 293 13.10 12.32 1.74
N ASN A 294 13.09 13.36 0.90
CA ASN A 294 14.26 14.21 0.66
C ASN A 294 14.49 15.19 1.81
N VAL A 295 15.75 15.38 2.17
CA VAL A 295 16.16 16.28 3.25
C VAL A 295 16.70 17.58 2.64
N TRP A 296 15.85 18.59 2.55
CA TRP A 296 16.22 19.88 1.96
C TRP A 296 16.95 20.78 2.96
N ASP A 297 17.78 21.68 2.42
CA ASP A 297 18.35 22.78 3.20
C ASP A 297 17.38 23.96 3.07
N ALA A 298 16.97 24.51 4.21
CA ALA A 298 15.96 25.57 4.25
C ALA A 298 16.42 26.91 3.66
N LEU A 299 17.73 27.17 3.71
CA LEU A 299 18.32 28.42 3.23
C LEU A 299 18.94 28.32 1.83
N LYS A 300 19.75 27.28 1.62
CA LYS A 300 20.48 27.09 0.37
C LYS A 300 19.63 26.68 -0.84
N ALA A 301 18.44 26.12 -0.58
CA ALA A 301 17.50 25.66 -1.62
C ALA A 301 18.08 24.51 -2.45
N ASP A 302 18.52 23.46 -1.75
CA ASP A 302 19.08 22.27 -2.41
C ASP A 302 19.01 21.07 -1.46
N ARG A 303 18.81 19.89 -2.05
CA ARG A 303 18.71 18.64 -1.30
C ARG A 303 20.06 18.21 -0.75
N ALA A 304 20.19 18.25 0.58
CA ALA A 304 21.40 17.83 1.28
C ALA A 304 21.59 16.33 1.19
N GLY A 305 20.53 15.58 1.51
CA GLY A 305 20.49 14.13 1.37
C GLY A 305 19.13 13.63 0.93
N VAL A 306 18.93 12.33 1.04
CA VAL A 306 17.65 11.69 0.73
C VAL A 306 17.51 10.37 1.50
N LEU A 307 16.31 10.12 2.01
CA LEU A 307 16.00 8.92 2.80
C LEU A 307 15.09 8.01 1.97
N ALA A 308 15.47 6.73 1.87
CA ALA A 308 14.73 5.75 1.06
C ALA A 308 14.74 4.38 1.72
N GLY A 309 13.95 4.25 2.78
CA GLY A 309 13.74 2.98 3.49
C GLY A 309 12.46 2.27 3.10
N HIS A 310 11.40 3.04 2.84
CA HIS A 310 10.05 2.49 2.61
C HIS A 310 9.82 2.09 1.16
N ASP A 311 8.98 1.08 0.96
CA ASP A 311 8.61 0.57 -0.36
C ASP A 311 7.47 1.39 -0.97
N ASN A 312 6.44 1.63 -0.17
CA ASN A 312 5.27 2.43 -0.55
C ASN A 312 5.45 3.88 -0.08
N ARG A 313 4.58 4.77 -0.56
CA ARG A 313 4.61 6.20 -0.19
C ARG A 313 4.58 6.47 1.32
N VAL A 314 5.45 7.37 1.77
CA VAL A 314 5.43 7.85 3.15
C VAL A 314 4.21 8.76 3.35
N SER A 315 3.53 8.59 4.49
CA SER A 315 2.32 9.35 4.81
C SER A 315 2.63 10.47 5.77
N CYS A 316 3.18 10.10 6.92
CA CYS A 316 3.51 11.02 8.00
C CYS A 316 5.01 11.21 8.17
N LEU A 317 5.38 12.38 8.70
CA LEU A 317 6.76 12.75 8.98
C LEU A 317 6.77 13.48 10.31
N GLY A 318 7.56 12.99 11.26
CA GLY A 318 7.63 13.55 12.61
C GLY A 318 9.05 13.61 13.13
N VAL A 319 9.54 14.84 13.33
CA VAL A 319 10.83 15.08 13.98
C VAL A 319 10.56 15.27 15.49
N THR A 320 11.53 14.85 16.30
CA THR A 320 11.44 14.98 17.76
C THR A 320 11.48 16.44 18.22
N ASP A 321 11.10 16.67 19.48
CA ASP A 321 11.08 18.01 20.07
C ASP A 321 12.50 18.56 20.26
N ASP A 322 13.35 17.77 20.90
CA ASP A 322 14.78 18.10 21.05
C ASP A 322 15.58 18.03 19.73
N GLY A 323 15.06 17.28 18.77
CA GLY A 323 15.65 17.16 17.43
C GLY A 323 16.65 16.02 17.28
N MET A 324 16.53 15.00 18.12
CA MET A 324 17.45 13.86 18.12
C MET A 324 17.26 12.93 16.94
N ALA A 325 16.01 12.68 16.57
CA ALA A 325 15.67 11.74 15.50
C ALA A 325 14.39 12.11 14.75
N VAL A 326 14.22 11.48 13.59
CA VAL A 326 13.02 11.60 12.75
C VAL A 326 12.41 10.21 12.67
N ALA A 327 11.09 10.15 12.48
CA ALA A 327 10.38 8.88 12.27
C ALA A 327 9.34 9.01 11.15
N THR A 328 9.65 8.44 9.99
CA THR A 328 8.78 8.45 8.83
C THR A 328 7.86 7.23 8.82
N GLY A 329 6.55 7.46 8.89
CA GLY A 329 5.56 6.40 8.69
C GLY A 329 5.23 6.27 7.21
N SER A 330 4.63 5.13 6.85
CA SER A 330 4.34 4.82 5.44
C SER A 330 3.20 3.84 5.27
N TRP A 331 2.72 3.75 4.02
CA TRP A 331 1.65 2.82 3.64
C TRP A 331 2.13 1.36 3.58
N ASP A 332 3.45 1.16 3.57
CA ASP A 332 4.07 -0.16 3.78
C ASP A 332 3.86 -0.75 5.17
N SER A 333 3.40 0.07 6.12
CA SER A 333 3.09 -0.33 7.51
C SER A 333 4.37 -0.50 8.35
N PHE A 334 5.26 0.50 8.23
CA PHE A 334 6.52 0.54 8.97
C PHE A 334 6.84 1.97 9.39
N LEU A 335 7.40 2.12 10.59
CA LEU A 335 7.91 3.40 11.09
C LEU A 335 9.42 3.30 11.25
N LYS A 336 10.16 3.86 10.30
CA LYS A 336 11.62 3.82 10.28
C LYS A 336 12.20 5.07 10.93
N ILE A 337 12.86 4.89 12.06
CA ILE A 337 13.45 6.00 12.82
C ILE A 337 14.86 6.30 12.27
N TRP A 338 15.12 7.57 12.01
CA TRP A 338 16.37 8.04 11.40
C TRP A 338 17.24 8.79 12.41
N ASN A 339 18.55 8.79 12.20
CA ASN A 339 19.50 9.45 13.11
C ASN A 339 20.82 9.71 12.41
N ALA B 7 -27.56 36.81 0.88
CA ALA B 7 -26.86 35.48 0.87
C ALA B 7 -25.51 35.56 0.17
N SER B 8 -25.52 36.00 -1.09
CA SER B 8 -24.30 36.20 -1.87
C SER B 8 -23.52 37.43 -1.41
N ILE B 9 -24.24 38.49 -1.06
CA ILE B 9 -23.65 39.72 -0.50
C ILE B 9 -22.94 39.50 0.86
N ALA B 10 -23.47 38.57 1.65
CA ALA B 10 -22.89 38.24 2.97
C ALA B 10 -21.51 37.60 2.86
N GLN B 11 -21.33 36.75 1.85
CA GLN B 11 -20.03 36.12 1.56
C GLN B 11 -19.00 37.15 1.07
N ALA B 12 -19.44 38.06 0.21
CA ALA B 12 -18.60 39.17 -0.29
C ALA B 12 -18.27 40.18 0.80
N ARG B 13 -19.24 40.48 1.67
CA ARG B 13 -19.03 41.39 2.81
C ARG B 13 -18.08 40.81 3.86
N LYS B 14 -18.21 39.51 4.12
CA LYS B 14 -17.31 38.79 5.03
C LYS B 14 -15.90 38.67 4.46
N LEU B 15 -15.81 38.42 3.15
CA LEU B 15 -14.53 38.40 2.43
C LEU B 15 -13.87 39.79 2.36
N VAL B 16 -14.69 40.82 2.17
CA VAL B 16 -14.21 42.21 2.15
C VAL B 16 -13.75 42.68 3.53
N GLU B 17 -14.48 42.29 4.58
CA GLU B 17 -14.11 42.56 5.96
C GLU B 17 -12.82 41.84 6.37
N GLN B 18 -12.68 40.60 5.92
CA GLN B 18 -11.45 39.82 6.14
C GLN B 18 -10.27 40.39 5.35
N LEU B 19 -10.51 40.78 4.11
CA LEU B 19 -9.51 41.43 3.26
C LEU B 19 -9.07 42.80 3.80
N LYS B 20 -10.01 43.54 4.37
CA LYS B 20 -9.73 44.85 4.99
C LYS B 20 -8.86 44.71 6.24
N MET B 21 -9.17 43.71 7.06
CA MET B 21 -8.36 43.39 8.25
C MET B 21 -6.98 42.85 7.90
N GLU B 22 -6.93 41.98 6.89
CA GLU B 22 -5.67 41.40 6.40
C GLU B 22 -4.76 42.40 5.68
N ALA B 23 -5.35 43.45 5.10
CA ALA B 23 -4.59 44.49 4.39
C ALA B 23 -3.80 45.39 5.34
N ASN B 24 -4.48 45.91 6.36
CA ASN B 24 -3.87 46.80 7.35
C ASN B 24 -2.97 46.01 8.32
N ILE B 25 -1.72 45.80 7.91
CA ILE B 25 -0.73 45.07 8.70
C ILE B 25 0.67 45.68 8.54
N ASP B 26 1.52 45.45 9.55
CA ASP B 26 2.90 45.92 9.54
C ASP B 26 3.82 44.90 8.87
N ARG B 27 3.95 45.02 7.55
CA ARG B 27 4.82 44.15 6.75
C ARG B 27 6.25 44.69 6.72
N ILE B 28 7.22 43.78 6.75
CA ILE B 28 8.65 44.13 6.71
C ILE B 28 9.38 43.45 5.55
N LYS B 29 10.61 43.89 5.30
CA LYS B 29 11.44 43.41 4.19
C LYS B 29 11.82 41.94 4.28
N VAL B 30 12.15 41.35 3.13
CA VAL B 30 12.60 39.96 3.03
C VAL B 30 14.02 39.81 3.60
N SER B 31 14.88 40.79 3.33
CA SER B 31 16.25 40.81 3.86
C SER B 31 16.30 40.85 5.39
N LYS B 32 15.38 41.60 6.00
CA LYS B 32 15.23 41.65 7.45
C LYS B 32 14.70 40.35 8.05
N ALA B 33 13.70 39.76 7.37
CA ALA B 33 13.08 38.51 7.81
C ALA B 33 14.01 37.30 7.63
N ALA B 34 14.66 37.22 6.46
CA ALA B 34 15.59 36.14 6.15
C ALA B 34 16.85 36.16 7.03
N ALA B 35 17.27 37.34 7.45
CA ALA B 35 18.38 37.50 8.40
C ALA B 35 18.06 36.92 9.78
N ASP B 36 16.80 37.06 10.20
CA ASP B 36 16.31 36.48 11.46
C ASP B 36 16.28 34.95 11.42
N LEU B 37 15.87 34.38 10.27
CA LEU B 37 15.87 32.93 10.07
C LEU B 37 17.28 32.35 9.97
N MET B 38 18.17 33.09 9.29
CA MET B 38 19.58 32.71 9.18
C MET B 38 20.33 32.82 10.51
N ALA B 39 20.02 33.87 11.28
CA ALA B 39 20.60 34.06 12.62
C ALA B 39 20.14 32.99 13.62
N TYR B 40 18.90 32.54 13.49
CA TYR B 40 18.36 31.47 14.34
C TYR B 40 19.03 30.12 14.04
N CYS B 41 19.18 29.80 12.75
CA CYS B 41 19.84 28.56 12.31
C CYS B 41 21.32 28.51 12.71
N GLU B 42 22.00 29.65 12.59
CA GLU B 42 23.40 29.78 13.02
C GLU B 42 23.57 29.71 14.54
N ALA B 43 22.58 30.23 15.28
CA ALA B 43 22.59 30.18 16.75
C ALA B 43 22.44 28.77 17.31
N HIS B 44 21.54 27.99 16.70
CA HIS B 44 21.28 26.60 17.10
C HIS B 44 22.02 25.55 16.23
N ALA B 45 23.08 25.97 15.54
CA ALA B 45 23.83 25.09 14.63
C ALA B 45 24.56 23.97 15.40
N LYS B 46 25.21 24.35 16.50
CA LYS B 46 25.90 23.39 17.38
C LYS B 46 24.92 22.50 18.16
N GLU B 47 23.79 23.09 18.56
CA GLU B 47 22.76 22.38 19.33
C GLU B 47 22.02 21.27 18.57
N ASP B 48 21.95 21.39 17.24
CA ASP B 48 21.19 20.45 16.40
C ASP B 48 21.91 19.10 16.27
N PRO B 49 21.25 17.98 16.64
CA PRO B 49 21.82 16.64 16.41
C PRO B 49 21.88 16.19 14.94
N LEU B 50 20.88 16.58 14.15
CA LEU B 50 20.78 16.14 12.74
C LEU B 50 21.72 16.88 11.79
N LEU B 51 21.96 18.17 12.06
CA LEU B 51 22.75 19.03 11.17
C LEU B 51 24.22 18.59 11.13
N THR B 52 24.83 18.45 12.30
CA THR B 52 26.16 17.87 12.47
C THR B 52 25.98 16.58 13.26
N PRO B 53 26.41 15.43 12.69
CA PRO B 53 26.08 14.12 13.26
C PRO B 53 26.63 13.90 14.67
N VAL B 54 25.76 13.45 15.57
CA VAL B 54 26.05 13.34 16.99
C VAL B 54 27.00 12.17 17.33
N PRO B 55 27.63 12.21 18.52
CA PRO B 55 28.50 11.12 18.94
C PRO B 55 27.71 9.89 19.40
N ALA B 56 28.31 8.71 19.23
CA ALA B 56 27.65 7.43 19.52
C ALA B 56 27.32 7.22 21.00
N SER B 57 28.11 7.82 21.90
CA SER B 57 27.86 7.77 23.34
C SER B 57 26.62 8.56 23.74
N GLU B 58 26.56 9.81 23.28
CA GLU B 58 25.42 10.70 23.57
C GLU B 58 24.15 10.32 22.82
N ASN B 59 24.30 9.76 21.61
CA ASN B 59 23.16 9.29 20.81
C ASN B 59 22.55 8.06 21.49
N PRO B 60 21.23 8.10 21.78
CA PRO B 60 20.57 6.99 22.46
C PRO B 60 20.34 5.75 21.59
N PHE B 61 20.12 5.96 20.29
CA PHE B 61 19.83 4.88 19.34
C PHE B 61 21.07 4.05 19.00
N ARG B 62 22.23 4.69 18.95
CA ARG B 62 23.51 4.02 18.72
C ARG B 62 23.97 3.30 19.99
N LEU C 2 17.43 -2.21 36.70
CA LEU C 2 16.06 -2.80 36.58
C LEU C 2 15.88 -3.55 35.26
N SER C 3 16.48 -4.75 35.20
CA SER C 3 16.32 -5.65 34.06
C SER C 3 14.92 -6.28 34.03
N ALA C 4 14.36 -6.51 35.22
CA ALA C 4 12.98 -6.99 35.38
C ALA C 4 11.95 -5.97 34.88
N GLU C 5 12.24 -4.68 35.07
CA GLU C 5 11.40 -3.59 34.56
C GLU C 5 11.35 -3.55 33.02
N GLU C 6 12.50 -3.77 32.39
CA GLU C 6 12.58 -3.88 30.93
C GLU C 6 11.90 -5.15 30.41
N ARG C 7 12.01 -6.24 31.18
CA ARG C 7 11.30 -7.49 30.89
C ARG C 7 9.79 -7.37 31.05
N ALA C 8 9.36 -6.58 32.03
CA ALA C 8 7.94 -6.26 32.24
C ALA C 8 7.38 -5.41 31.09
N ALA C 9 8.18 -4.49 30.58
CA ALA C 9 7.84 -3.70 29.39
C ALA C 9 7.76 -4.56 28.13
N LEU C 10 8.68 -5.52 28.01
CA LEU C 10 8.67 -6.51 26.93
C LEU C 10 7.48 -7.48 27.05
N GLU C 11 7.10 -7.78 28.29
CA GLU C 11 5.92 -8.59 28.59
C GLU C 11 4.61 -7.93 28.15
N ARG C 12 4.53 -6.59 28.29
CA ARG C 12 3.40 -5.82 27.76
C ARG C 12 3.31 -5.91 26.23
N SER C 13 4.46 -5.84 25.56
CA SER C 13 4.53 -5.92 24.10
C SER C 13 4.23 -7.32 23.55
N LYS C 14 4.53 -8.35 24.34
CA LYS C 14 4.18 -9.73 24.00
C LYS C 14 2.66 -9.93 23.94
N ALA C 15 1.95 -9.29 24.88
CA ALA C 15 0.48 -9.27 24.87
C ALA C 15 -0.08 -8.45 23.70
N ILE C 16 0.56 -7.33 23.42
CA ILE C 16 0.18 -6.47 22.28
C ILE C 16 0.45 -7.16 20.94
N GLU C 17 1.60 -7.82 20.82
CA GLU C 17 1.95 -8.58 19.61
C GLU C 17 0.99 -9.74 19.35
N LYS C 18 0.57 -10.41 20.43
CA LYS C 18 -0.44 -11.48 20.35
C LYS C 18 -1.84 -10.95 20.02
N ASN C 19 -2.18 -9.79 20.57
CA ASN C 19 -3.47 -9.13 20.32
C ASN C 19 -3.61 -8.66 18.87
N LEU C 20 -2.60 -7.94 18.40
CA LEU C 20 -2.54 -7.45 17.00
C LEU C 20 -2.58 -8.55 15.95
N LYS C 21 -1.85 -9.65 16.22
CA LYS C 21 -1.78 -10.79 15.31
C LYS C 21 -3.12 -11.53 15.17
N GLU C 22 -3.83 -11.67 16.30
CA GLU C 22 -5.15 -12.32 16.33
C GLU C 22 -6.24 -11.46 15.68
N ASP C 23 -6.18 -10.15 15.93
CA ASP C 23 -7.15 -9.20 15.34
C ASP C 23 -6.87 -8.96 13.85
N GLY C 24 -5.58 -8.89 13.48
CA GLY C 24 -5.15 -8.65 12.10
C GLY C 24 -5.56 -9.73 11.11
N ILE C 25 -5.39 -10.99 11.50
CA ILE C 25 -5.79 -12.13 10.66
C ILE C 25 -7.32 -12.26 10.50
N SER C 26 -8.06 -11.82 11.52
CA SER C 26 -9.52 -11.77 11.47
C SER C 26 -10.03 -10.70 10.51
N ALA C 27 -9.42 -9.51 10.57
CA ALA C 27 -9.75 -8.40 9.67
C ALA C 27 -9.31 -8.65 8.22
N ALA C 28 -8.26 -9.45 8.04
CA ALA C 28 -7.72 -9.76 6.71
C ALA C 28 -8.64 -10.66 5.87
N LYS C 29 -9.17 -11.70 6.48
CA LYS C 29 -10.07 -12.65 5.80
C LYS C 29 -11.42 -12.06 5.38
N ASP C 30 -11.88 -11.03 6.08
CA ASP C 30 -13.17 -10.38 5.79
C ASP C 30 -13.14 -9.60 4.48
N VAL C 31 -14.27 -9.62 3.77
CA VAL C 31 -14.43 -8.93 2.49
C VAL C 31 -14.86 -7.48 2.75
N LYS C 32 -14.03 -6.54 2.29
CA LYS C 32 -14.29 -5.11 2.44
C LYS C 32 -14.87 -4.57 1.14
N LEU C 33 -16.00 -3.86 1.23
CA LEU C 33 -16.74 -3.36 0.07
C LEU C 33 -17.05 -1.88 0.22
N LEU C 34 -16.75 -1.11 -0.84
CA LEU C 34 -17.08 0.31 -0.92
C LEU C 34 -18.44 0.48 -1.58
N LEU C 35 -19.38 1.09 -0.86
CA LEU C 35 -20.73 1.35 -1.35
C LEU C 35 -20.85 2.80 -1.82
N LEU C 36 -20.64 3.02 -3.11
CA LEU C 36 -20.76 4.34 -3.74
C LEU C 36 -22.04 4.47 -4.54
N GLY C 37 -22.34 5.70 -4.95
CA GLY C 37 -23.53 6.02 -5.73
C GLY C 37 -24.03 7.43 -5.47
N ALA C 38 -25.09 7.80 -6.18
CA ALA C 38 -25.74 9.10 -6.01
C ALA C 38 -26.71 9.07 -4.83
N ASP C 39 -27.14 10.26 -4.41
CA ASP C 39 -28.09 10.41 -3.29
C ASP C 39 -29.49 9.98 -3.73
N ASN C 40 -30.23 9.37 -2.79
CA ASN C 40 -31.58 8.84 -3.04
C ASN C 40 -31.63 7.72 -4.10
N SER C 41 -30.55 6.93 -4.17
CA SER C 41 -30.44 5.79 -5.09
C SER C 41 -30.75 4.44 -4.43
N GLY C 42 -30.97 4.45 -3.11
CA GLY C 42 -31.22 3.23 -2.34
C GLY C 42 -29.90 2.60 -1.93
N LYS C 43 -29.06 3.39 -1.30
CA LYS C 43 -27.77 2.92 -0.77
C LYS C 43 -27.97 2.27 0.59
N SER C 44 -28.68 2.99 1.47
CA SER C 44 -29.04 2.48 2.80
C SER C 44 -30.05 1.32 2.76
N THR C 45 -30.87 1.27 1.71
CA THR C 45 -31.88 0.24 1.53
C THR C 45 -31.30 -1.16 1.30
N ILE C 46 -30.22 -1.24 0.51
CA ILE C 46 -29.53 -2.50 0.24
C ILE C 46 -28.75 -2.97 1.49
N VAL C 47 -28.21 -2.02 2.24
CA VAL C 47 -27.54 -2.31 3.52
C VAL C 47 -28.54 -2.86 4.54
N LYS C 48 -29.72 -2.25 4.60
CA LYS C 48 -30.82 -2.73 5.44
C LYS C 48 -31.39 -4.08 4.96
N GLN C 49 -31.44 -4.26 3.64
CA GLN C 49 -31.91 -5.51 3.04
C GLN C 49 -30.94 -6.67 3.28
N MET C 50 -29.65 -6.39 3.18
CA MET C 50 -28.59 -7.37 3.44
C MET C 50 -28.51 -7.74 4.92
N LYS C 51 -28.49 -6.71 5.78
CA LYS C 51 -28.44 -6.91 7.23
C LYS C 51 -29.81 -7.34 7.77
N THR C 64 -22.77 12.73 10.47
CA THR C 64 -22.81 11.33 10.05
C THR C 64 -22.00 11.11 8.77
N GLY C 65 -20.69 10.89 8.95
CA GLY C 65 -19.78 10.64 7.84
C GLY C 65 -19.90 9.22 7.32
N ILE C 66 -18.98 8.35 7.75
CA ILE C 66 -18.94 6.95 7.30
C ILE C 66 -20.00 6.12 8.04
N VAL C 67 -20.55 5.14 7.32
CA VAL C 67 -21.53 4.19 7.89
C VAL C 67 -21.06 2.77 7.61
N GLU C 68 -20.70 2.04 8.67
CA GLU C 68 -20.20 0.68 8.56
C GLU C 68 -21.32 -0.36 8.60
N THR C 69 -21.04 -1.53 8.01
CA THR C 69 -21.96 -2.68 8.02
C THR C 69 -21.14 -3.93 8.37
N HIS C 70 -21.80 -4.91 8.99
CA HIS C 70 -21.14 -6.08 9.56
C HIS C 70 -21.93 -7.38 9.35
N PHE C 71 -22.60 -7.49 8.19
CA PHE C 71 -23.44 -8.66 7.91
C PHE C 71 -22.59 -9.80 7.35
N THR C 72 -23.11 -11.02 7.43
CA THR C 72 -22.48 -12.22 6.89
C THR C 72 -23.49 -13.09 6.15
N PHE C 73 -23.05 -13.69 5.04
CA PHE C 73 -23.91 -14.52 4.20
C PHE C 73 -23.09 -15.55 3.43
N LYS C 74 -23.53 -16.81 3.49
CA LYS C 74 -22.90 -17.94 2.78
C LYS C 74 -21.49 -18.25 3.29
N ASN C 75 -21.35 -18.36 4.61
CA ASN C 75 -20.11 -18.75 5.29
C ASN C 75 -18.91 -17.81 5.01
N LEU C 76 -19.17 -16.51 5.01
CA LEU C 76 -18.14 -15.50 4.75
C LEU C 76 -18.59 -14.15 5.31
N HIS C 77 -17.66 -13.44 5.96
CA HIS C 77 -17.95 -12.14 6.57
C HIS C 77 -17.83 -11.02 5.54
N PHE C 78 -18.78 -10.10 5.56
CA PHE C 78 -18.82 -8.94 4.64
C PHE C 78 -18.75 -7.62 5.41
N ARG C 79 -18.24 -6.59 4.74
CA ARG C 79 -18.13 -5.25 5.30
C ARG C 79 -18.45 -4.18 4.26
N LEU C 80 -19.71 -3.77 4.19
CA LEU C 80 -20.15 -2.66 3.34
C LEU C 80 -19.85 -1.33 4.02
N PHE C 81 -19.32 -0.39 3.23
CA PHE C 81 -18.96 0.95 3.72
C PHE C 81 -19.58 2.01 2.82
N ASP C 82 -20.58 2.70 3.36
CA ASP C 82 -21.33 3.72 2.62
C ASP C 82 -20.92 5.13 3.03
N VAL C 83 -19.95 5.68 2.30
CA VAL C 83 -19.62 7.13 2.39
C VAL C 83 -20.83 7.97 1.97
N GLY C 84 -21.01 9.12 2.62
CA GLY C 84 -22.13 10.00 2.32
C GLY C 84 -22.22 11.19 3.25
N GLY C 85 -22.80 12.27 2.74
CA GLY C 85 -22.87 13.54 3.46
C GLY C 85 -21.52 14.23 3.60
N GLN C 86 -20.58 13.89 2.72
CA GLN C 86 -19.23 14.44 2.75
C GLN C 86 -19.20 15.72 1.94
N ARG C 87 -19.49 15.60 0.65
CA ARG C 87 -19.50 16.74 -0.30
C ARG C 87 -18.20 17.56 -0.31
N SER C 88 -17.08 16.89 -0.06
CA SER C 88 -15.77 17.52 0.07
C SER C 88 -14.93 17.15 -1.15
N GLU C 89 -13.60 17.33 -1.06
CA GLU C 89 -12.68 16.79 -2.05
C GLU C 89 -12.75 15.27 -2.04
N ARG C 90 -13.31 14.69 -3.10
CA ARG C 90 -13.52 13.24 -3.21
C ARG C 90 -12.23 12.43 -3.25
N LYS C 91 -11.15 13.05 -3.72
CA LYS C 91 -9.82 12.41 -3.82
C LYS C 91 -9.19 11.98 -2.49
N LYS C 92 -9.60 12.58 -1.38
CA LYS C 92 -8.97 12.35 -0.08
C LYS C 92 -9.50 11.10 0.63
N TRP C 93 -10.82 11.05 0.85
CA TRP C 93 -11.44 9.91 1.53
C TRP C 93 -11.44 8.58 0.75
N ILE C 94 -11.32 8.65 -0.58
CA ILE C 94 -11.25 7.43 -1.42
C ILE C 94 -9.96 6.61 -1.26
N HIS C 95 -8.80 7.28 -1.15
CA HIS C 95 -7.51 6.59 -1.01
C HIS C 95 -7.31 5.90 0.36
N CYS C 96 -8.14 6.27 1.33
CA CYS C 96 -8.20 5.61 2.65
C CYS C 96 -8.51 4.11 2.57
N PHE C 97 -9.27 3.72 1.54
CA PHE C 97 -9.57 2.31 1.27
C PHE C 97 -9.40 2.00 -0.23
N GLU C 98 -8.14 1.91 -0.64
CA GLU C 98 -7.76 1.45 -1.98
C GLU C 98 -7.78 -0.07 -2.08
N ASP C 99 -7.69 -0.76 -0.93
CA ASP C 99 -7.65 -2.22 -0.86
C ASP C 99 -9.02 -2.89 -0.60
N VAL C 100 -10.11 -2.27 -1.08
CA VAL C 100 -11.43 -2.92 -1.07
C VAL C 100 -11.46 -4.05 -2.11
N THR C 101 -12.24 -5.09 -1.81
CA THR C 101 -12.37 -6.25 -2.70
C THR C 101 -13.16 -5.89 -3.96
N ALA C 102 -14.26 -5.17 -3.77
CA ALA C 102 -15.11 -4.73 -4.88
C ALA C 102 -15.88 -3.46 -4.52
N ILE C 103 -16.03 -2.58 -5.51
CA ILE C 103 -16.78 -1.33 -5.35
C ILE C 103 -18.23 -1.57 -5.76
N ILE C 104 -19.12 -1.64 -4.76
CA ILE C 104 -20.56 -1.67 -5.02
C ILE C 104 -21.00 -0.27 -5.45
N PHE C 105 -21.59 -0.17 -6.65
CA PHE C 105 -22.07 1.11 -7.19
C PHE C 105 -23.59 1.07 -7.41
N CYS C 106 -24.32 1.85 -6.63
CA CYS C 106 -25.77 1.96 -6.75
C CYS C 106 -26.15 3.06 -7.75
N VAL C 107 -27.19 2.79 -8.54
CA VAL C 107 -27.71 3.74 -9.53
C VAL C 107 -29.24 3.79 -9.42
N ASP C 108 -29.79 5.00 -9.35
CA ASP C 108 -31.23 5.21 -9.35
C ASP C 108 -31.76 5.19 -10.78
N LEU C 109 -32.50 4.14 -11.13
CA LEU C 109 -33.07 4.01 -12.47
C LEU C 109 -34.24 4.96 -12.73
N SER C 110 -35.15 5.05 -11.77
CA SER C 110 -36.30 5.96 -11.85
C SER C 110 -35.91 7.39 -11.47
N ASP C 111 -35.06 7.98 -12.30
CA ASP C 111 -34.44 9.29 -12.04
C ASP C 111 -33.42 9.64 -13.13
N TYR C 112 -33.64 10.77 -13.82
CA TYR C 112 -32.69 11.26 -14.85
C TYR C 112 -31.55 12.17 -14.45
N ASN C 113 -31.74 12.97 -13.41
CA ASN C 113 -30.62 13.73 -12.86
C ASN C 113 -29.61 12.73 -12.34
N ARG C 114 -30.13 11.67 -11.73
CA ARG C 114 -29.32 10.55 -11.26
C ARG C 114 -28.54 9.92 -12.42
N MET C 115 -29.23 9.67 -13.53
CA MET C 115 -28.64 8.93 -14.66
C MET C 115 -27.40 9.58 -15.27
N HIS C 116 -27.42 10.90 -15.44
CA HIS C 116 -26.25 11.60 -16.01
C HIS C 116 -25.21 11.98 -14.95
N GLU C 117 -25.67 12.42 -13.78
CA GLU C 117 -24.79 12.80 -12.68
C GLU C 117 -24.03 11.61 -12.08
N SER C 118 -24.71 10.49 -11.91
CA SER C 118 -24.10 9.26 -11.38
C SER C 118 -23.11 8.61 -12.35
N LEU C 119 -23.43 8.66 -13.64
CA LEU C 119 -22.58 8.10 -14.69
C LEU C 119 -21.23 8.81 -14.82
N MET C 120 -21.22 10.13 -14.56
CA MET C 120 -19.98 10.90 -14.50
C MET C 120 -19.13 10.54 -13.28
N LEU C 121 -19.79 10.35 -12.14
CA LEU C 121 -19.13 9.89 -10.90
C LEU C 121 -18.59 8.47 -11.04
N PHE C 122 -19.36 7.60 -11.72
CA PHE C 122 -18.93 6.24 -12.02
C PHE C 122 -17.64 6.22 -12.84
N ASP C 123 -17.57 7.09 -13.85
CA ASP C 123 -16.40 7.21 -14.72
C ASP C 123 -15.13 7.57 -13.96
N SER C 124 -15.25 8.59 -13.10
CA SER C 124 -14.12 9.06 -12.28
C SER C 124 -13.58 8.00 -11.31
N ILE C 125 -14.49 7.28 -10.65
CA ILE C 125 -14.11 6.19 -9.75
C ILE C 125 -13.56 4.98 -10.51
N CYS C 126 -14.17 4.65 -11.65
CA CYS C 126 -13.65 3.63 -12.56
C CYS C 126 -12.26 3.99 -13.12
N ASN C 127 -12.05 5.28 -13.38
CA ASN C 127 -10.77 5.81 -13.89
C ASN C 127 -9.76 6.25 -12.83
N ASN C 128 -10.09 6.07 -11.54
CA ASN C 128 -9.23 6.54 -10.45
C ASN C 128 -8.02 5.63 -10.31
N LYS C 129 -6.84 6.23 -10.22
CA LYS C 129 -5.55 5.52 -10.16
C LYS C 129 -5.50 4.36 -9.15
N PHE C 130 -6.17 4.53 -8.02
CA PHE C 130 -6.24 3.51 -6.97
C PHE C 130 -7.21 2.38 -7.32
N PHE C 131 -8.36 2.72 -7.91
CA PHE C 131 -9.44 1.76 -8.19
C PHE C 131 -9.44 1.11 -9.59
N ILE C 132 -8.46 1.41 -10.43
CA ILE C 132 -8.29 0.72 -11.73
C ILE C 132 -7.93 -0.77 -11.52
N ASP C 133 -7.27 -1.07 -10.40
CA ASP C 133 -7.01 -2.47 -9.97
C ASP C 133 -8.02 -2.92 -8.90
N THR C 134 -9.31 -2.74 -9.19
CA THR C 134 -10.41 -3.11 -8.30
C THR C 134 -11.70 -3.27 -9.11
N SER C 135 -12.38 -4.41 -8.93
CA SER C 135 -13.62 -4.70 -9.64
C SER C 135 -14.80 -3.86 -9.14
N ILE C 136 -15.84 -3.78 -9.96
CA ILE C 136 -17.07 -3.03 -9.63
C ILE C 136 -18.28 -3.96 -9.71
N ILE C 137 -19.21 -3.79 -8.77
CA ILE C 137 -20.49 -4.49 -8.75
C ILE C 137 -21.60 -3.44 -8.95
N LEU C 138 -22.03 -3.27 -10.20
CA LEU C 138 -23.04 -2.28 -10.54
C LEU C 138 -24.44 -2.76 -10.14
N PHE C 139 -25.13 -1.94 -9.35
CA PHE C 139 -26.52 -2.19 -8.98
C PHE C 139 -27.42 -1.12 -9.58
N LEU C 140 -28.33 -1.55 -10.45
CA LEU C 140 -29.28 -0.67 -11.12
C LEU C 140 -30.62 -0.74 -10.37
N ASN C 141 -30.69 0.01 -9.27
CA ASN C 141 -31.83 -0.06 -8.34
C ASN C 141 -33.07 0.64 -8.89
N LYS C 142 -34.20 0.32 -8.28
CA LYS C 142 -35.53 0.83 -8.68
C LYS C 142 -35.93 0.38 -10.09
N LYS C 143 -35.77 -0.91 -10.35
CA LYS C 143 -36.13 -1.52 -11.64
C LYS C 143 -37.65 -1.64 -11.84
N ASP C 144 -38.36 -1.88 -10.74
CA ASP C 144 -39.83 -1.93 -10.76
C ASP C 144 -40.46 -0.58 -11.12
N LEU C 145 -39.96 0.48 -10.49
CA LEU C 145 -40.38 1.86 -10.78
C LEU C 145 -39.93 2.33 -12.18
N PHE C 146 -38.79 1.84 -12.65
CA PHE C 146 -38.26 2.16 -13.98
C PHE C 146 -39.13 1.63 -15.12
N GLY C 147 -39.60 0.39 -14.97
CA GLY C 147 -40.48 -0.25 -15.96
C GLY C 147 -41.78 0.50 -16.24
N GLU C 148 -42.38 1.03 -15.17
CA GLU C 148 -43.57 1.88 -15.30
C GLU C 148 -43.25 3.28 -15.83
N LYS C 149 -42.10 3.81 -15.43
CA LYS C 149 -41.66 5.17 -15.82
C LYS C 149 -41.35 5.33 -17.31
N ILE C 150 -40.72 4.31 -17.91
CA ILE C 150 -40.36 4.35 -19.35
C ILE C 150 -41.55 4.43 -20.31
N LYS C 151 -42.71 3.93 -19.88
CA LYS C 151 -43.94 3.98 -20.69
C LYS C 151 -44.46 5.41 -20.87
N LYS C 152 -44.49 6.17 -19.77
CA LYS C 152 -44.93 7.56 -19.78
C LYS C 152 -43.90 8.48 -20.43
N SER C 153 -42.67 8.42 -19.92
CA SER C 153 -41.55 9.21 -20.41
C SER C 153 -40.35 8.29 -20.69
N PRO C 154 -40.02 8.07 -21.98
CA PRO C 154 -38.99 7.08 -22.34
C PRO C 154 -37.55 7.59 -22.14
N LEU C 155 -36.58 6.76 -22.51
CA LEU C 155 -35.16 7.11 -22.46
C LEU C 155 -34.68 7.71 -23.79
N THR C 156 -35.42 8.70 -24.29
CA THR C 156 -35.08 9.43 -25.51
C THR C 156 -34.20 10.65 -25.21
N ILE C 157 -34.23 11.13 -23.97
CA ILE C 157 -33.41 12.28 -23.54
C ILE C 157 -31.91 11.99 -23.59
N CYS C 158 -31.52 10.75 -23.29
CA CYS C 158 -30.11 10.34 -23.25
C CYS C 158 -29.67 9.79 -24.60
N PHE C 159 -29.57 10.70 -25.57
CA PHE C 159 -29.20 10.38 -26.97
C PHE C 159 -30.25 9.44 -27.62
N PRO C 160 -29.93 8.15 -27.92
CA PRO C 160 -31.02 7.31 -28.44
C PRO C 160 -31.91 6.75 -27.31
N GLY C 164 -32.77 3.67 -30.20
CA GLY C 164 -33.33 2.39 -29.78
C GLY C 164 -34.79 2.48 -29.35
N PRO C 165 -35.52 1.35 -29.38
CA PRO C 165 -36.94 1.35 -29.03
C PRO C 165 -37.21 1.45 -27.53
N ASN C 166 -38.36 2.03 -27.19
CA ASN C 166 -38.77 2.20 -25.79
C ASN C 166 -39.37 0.90 -25.26
N THR C 167 -38.55 0.13 -24.55
CA THR C 167 -38.96 -1.12 -23.91
C THR C 167 -38.13 -1.36 -22.65
N TYR C 168 -38.69 -2.09 -21.69
CA TYR C 168 -38.04 -2.37 -20.40
C TYR C 168 -36.72 -3.13 -20.55
N GLU C 169 -36.70 -4.11 -21.44
CA GLU C 169 -35.48 -4.89 -21.73
C GLU C 169 -34.42 -4.05 -22.46
N ASP C 170 -34.85 -3.27 -23.44
CA ASP C 170 -33.94 -2.47 -24.27
C ASP C 170 -33.40 -1.22 -23.54
N ALA C 171 -34.29 -0.50 -22.86
CA ALA C 171 -33.93 0.73 -22.16
C ALA C 171 -32.98 0.49 -20.99
N ALA C 172 -33.27 -0.54 -20.20
CA ALA C 172 -32.41 -0.95 -19.09
C ALA C 172 -31.05 -1.50 -19.56
N ALA C 173 -31.04 -2.15 -20.73
CA ALA C 173 -29.81 -2.68 -21.32
C ALA C 173 -28.87 -1.58 -21.83
N TYR C 174 -29.44 -0.53 -22.43
CA TYR C 174 -28.65 0.61 -22.92
C TYR C 174 -28.02 1.41 -21.78
N ILE C 175 -28.71 1.49 -20.63
CA ILE C 175 -28.16 2.08 -19.41
C ILE C 175 -26.96 1.25 -18.95
N GLN C 176 -27.18 -0.06 -18.83
CA GLN C 176 -26.12 -1.02 -18.46
C GLN C 176 -24.94 -1.00 -19.43
N ALA C 177 -25.23 -0.83 -20.72
CA ALA C 177 -24.21 -0.72 -21.76
C ALA C 177 -23.37 0.55 -21.63
N GLN C 178 -24.01 1.66 -21.26
CA GLN C 178 -23.33 2.94 -21.11
C GLN C 178 -22.40 2.97 -19.88
N PHE C 179 -22.85 2.34 -18.79
CA PHE C 179 -21.98 2.11 -17.62
C PHE C 179 -20.83 1.16 -17.95
N GLU C 180 -21.13 0.12 -18.73
CA GLU C 180 -20.11 -0.84 -19.20
C GLU C 180 -19.13 -0.24 -20.21
N SER C 181 -19.59 0.75 -20.98
CA SER C 181 -18.76 1.44 -21.96
C SER C 181 -17.61 2.23 -21.32
N LYS C 182 -17.91 2.90 -20.20
CA LYS C 182 -16.90 3.61 -19.41
C LYS C 182 -16.18 2.63 -18.48
N ASN C 183 -15.40 1.73 -19.08
CA ASN C 183 -14.62 0.73 -18.35
C ASN C 183 -13.13 1.01 -18.58
N ARG C 184 -12.69 0.86 -19.83
CA ARG C 184 -11.33 1.21 -20.27
C ARG C 184 -10.23 0.60 -19.39
N SER C 185 -10.42 -0.67 -19.03
CA SER C 185 -9.56 -1.34 -18.05
C SER C 185 -9.67 -2.86 -18.10
N PRO C 186 -8.67 -3.53 -18.72
CA PRO C 186 -8.53 -4.98 -18.59
C PRO C 186 -8.25 -5.42 -17.15
N ASN C 187 -8.70 -6.62 -16.80
CA ASN C 187 -8.63 -7.16 -15.43
C ASN C 187 -9.50 -6.36 -14.46
N LYS C 188 -10.73 -6.09 -14.88
CA LYS C 188 -11.68 -5.28 -14.11
C LYS C 188 -13.11 -5.49 -14.62
N GLU C 189 -13.69 -6.63 -14.24
CA GLU C 189 -15.03 -7.01 -14.69
C GLU C 189 -16.12 -6.27 -13.92
N ILE C 190 -17.03 -5.62 -14.65
CA ILE C 190 -18.17 -4.93 -14.07
C ILE C 190 -19.36 -5.89 -14.03
N TYR C 191 -19.80 -6.25 -12.83
CA TYR C 191 -20.90 -7.19 -12.62
C TYR C 191 -22.21 -6.43 -12.39
N CYS C 192 -23.13 -6.52 -13.36
CA CYS C 192 -24.38 -5.76 -13.34
C CYS C 192 -25.57 -6.60 -12.86
N HIS C 193 -26.56 -5.90 -12.29
CA HIS C 193 -27.77 -6.54 -11.75
C HIS C 193 -28.87 -5.49 -11.52
N MET C 194 -30.12 -5.90 -11.71
CA MET C 194 -31.29 -5.02 -11.60
C MET C 194 -32.25 -5.50 -10.50
N THR C 195 -32.24 -4.81 -9.36
CA THR C 195 -33.10 -5.16 -8.22
C THR C 195 -34.48 -4.50 -8.33
N CYS C 196 -35.52 -5.24 -7.97
CA CYS C 196 -36.90 -4.74 -7.97
C CYS C 196 -37.14 -3.88 -6.72
N ALA C 197 -36.96 -2.56 -6.89
CA ALA C 197 -37.07 -1.56 -5.80
C ALA C 197 -36.12 -1.85 -4.63
N THR C 198 -36.57 -2.62 -3.64
CA THR C 198 -35.74 -3.03 -2.50
C THR C 198 -36.41 -4.20 -1.77
N ASP C 199 -36.74 -5.24 -2.54
CA ASP C 199 -37.45 -6.42 -2.03
C ASP C 199 -37.03 -7.67 -2.82
N THR C 200 -35.75 -8.00 -2.71
CA THR C 200 -35.17 -9.18 -3.35
C THR C 200 -33.85 -9.55 -2.69
N ASN C 201 -33.54 -10.85 -2.64
CA ASN C 201 -32.30 -11.34 -2.04
C ASN C 201 -31.11 -11.09 -2.97
N ASN C 202 -30.61 -9.85 -2.92
CA ASN C 202 -29.47 -9.41 -3.74
C ASN C 202 -28.10 -9.56 -3.05
N ALA C 203 -28.09 -10.06 -1.82
CA ALA C 203 -26.85 -10.39 -1.10
C ALA C 203 -26.12 -11.57 -1.73
N GLN C 204 -26.88 -12.50 -2.32
CA GLN C 204 -26.32 -13.63 -3.07
C GLN C 204 -25.66 -13.19 -4.38
N VAL C 205 -26.16 -12.11 -4.97
CA VAL C 205 -25.55 -11.51 -6.17
C VAL C 205 -24.19 -10.88 -5.82
N ILE C 206 -24.07 -10.29 -4.64
CA ILE C 206 -22.80 -9.75 -4.14
C ILE C 206 -21.82 -10.91 -3.90
N PHE C 207 -22.32 -12.00 -3.32
CA PHE C 207 -21.53 -13.23 -3.12
C PHE C 207 -21.10 -13.83 -4.46
N ASP C 208 -22.04 -13.92 -5.40
CA ASP C 208 -21.78 -14.44 -6.76
C ASP C 208 -20.78 -13.59 -7.53
N ALA C 209 -20.86 -12.27 -7.37
CA ALA C 209 -19.90 -11.33 -7.95
C ALA C 209 -18.52 -11.45 -7.30
N VAL C 210 -18.51 -11.42 -5.97
CA VAL C 210 -17.27 -11.57 -5.18
C VAL C 210 -16.58 -12.93 -5.41
N THR C 211 -17.36 -14.00 -5.50
CA THR C 211 -16.83 -15.33 -5.83
C THR C 211 -16.11 -15.33 -7.19
N ASP C 212 -16.70 -14.66 -8.18
CA ASP C 212 -16.09 -14.51 -9.49
C ASP C 212 -14.82 -13.63 -9.44
N ILE C 213 -14.86 -12.58 -8.62
CA ILE C 213 -13.72 -11.68 -8.43
C ILE C 213 -12.51 -12.37 -7.80
N ILE C 214 -12.76 -13.15 -6.74
CA ILE C 214 -11.68 -13.90 -6.05
C ILE C 214 -11.06 -14.96 -6.96
N ILE C 215 -11.89 -15.68 -7.71
CA ILE C 215 -11.42 -16.67 -8.69
C ILE C 215 -10.67 -15.99 -9.84
N ALA C 216 -11.18 -14.85 -10.31
CA ALA C 216 -10.52 -14.06 -11.35
C ALA C 216 -9.14 -13.56 -10.94
N ASN C 217 -9.00 -13.17 -9.67
CA ASN C 217 -7.71 -12.79 -9.10
C ASN C 217 -6.76 -13.98 -8.94
N ASN C 218 -7.31 -15.13 -8.54
CA ASN C 218 -6.54 -16.37 -8.43
C ASN C 218 -6.07 -16.90 -9.79
N LEU C 219 -6.93 -16.78 -10.80
CA LEU C 219 -6.56 -17.10 -12.18
C LEU C 219 -5.49 -16.14 -12.70
N ARG C 220 -5.76 -14.84 -12.57
CA ARG C 220 -4.84 -13.77 -13.01
C ARG C 220 -3.45 -13.89 -12.37
N GLY C 221 -3.41 -14.23 -11.08
CA GLY C 221 -2.16 -14.52 -10.37
C GLY C 221 -1.49 -15.80 -10.84
N CYS C 222 -2.30 -16.83 -11.10
CA CYS C 222 -1.82 -18.11 -11.64
C CYS C 222 -1.20 -18.00 -13.04
N GLY C 223 -1.77 -17.12 -13.88
CA GLY C 223 -1.34 -16.96 -15.27
C GLY C 223 -2.47 -17.06 -16.28
N LEU C 224 -3.49 -17.85 -15.94
CA LEU C 224 -4.69 -18.02 -16.76
C LEU C 224 -5.56 -16.76 -16.62
N TYR C 225 -6.59 -16.64 -17.48
CA TYR C 225 -7.49 -15.47 -17.47
C TYR C 225 -6.69 -14.16 -17.60
N SER D 13 36.43 -36.45 -29.03
CA SER D 13 37.73 -35.68 -28.99
C SER D 13 37.74 -34.63 -27.88
N LEU D 14 38.92 -34.05 -27.65
CA LEU D 14 39.10 -33.05 -26.58
C LEU D 14 38.40 -31.71 -26.87
N PRO D 15 38.49 -31.18 -28.11
CA PRO D 15 37.80 -29.92 -28.42
C PRO D 15 36.26 -29.97 -28.29
N TRP D 16 35.67 -31.11 -28.63
CA TRP D 16 34.23 -31.34 -28.38
C TRP D 16 33.92 -31.43 -26.88
N LYS D 17 34.85 -32.02 -26.11
CA LYS D 17 34.76 -32.06 -24.65
C LYS D 17 34.81 -30.68 -23.99
N VAL D 18 35.67 -29.79 -24.52
CA VAL D 18 35.78 -28.41 -24.02
C VAL D 18 34.47 -27.63 -24.23
N LEU D 19 33.81 -27.84 -25.37
CA LEU D 19 32.50 -27.26 -25.64
C LEU D 19 31.42 -27.83 -24.72
N LEU D 20 31.50 -29.14 -24.46
CA LEU D 20 30.56 -29.82 -23.56
C LEU D 20 30.74 -29.39 -22.10
N VAL D 21 31.98 -29.29 -21.64
CA VAL D 21 32.28 -28.78 -20.29
C VAL D 21 31.85 -27.32 -20.14
N MET D 22 32.07 -26.51 -21.18
CA MET D 22 31.64 -25.11 -21.21
C MET D 22 30.11 -24.96 -21.25
N LEU D 23 29.44 -25.87 -21.95
CA LEU D 23 27.97 -25.86 -22.07
C LEU D 23 27.29 -26.22 -20.75
N LEU D 24 27.70 -27.33 -20.14
CA LEU D 24 27.08 -27.84 -18.91
C LEU D 24 27.41 -27.01 -17.66
N ALA D 25 28.62 -26.45 -17.62
CA ALA D 25 29.00 -25.50 -16.55
C ALA D 25 28.22 -24.19 -16.64
N LEU D 26 27.96 -23.75 -17.88
CA LEU D 26 27.10 -22.58 -18.14
C LEU D 26 25.65 -22.83 -17.71
N ILE D 27 25.14 -24.03 -18.02
CA ILE D 27 23.79 -24.45 -17.61
C ILE D 27 23.70 -24.60 -16.09
N THR D 28 24.72 -25.19 -15.48
CA THR D 28 24.81 -25.34 -14.02
C THR D 28 24.83 -23.99 -13.29
N LEU D 29 25.58 -23.05 -13.84
CA LEU D 29 25.64 -21.68 -13.31
C LEU D 29 24.34 -20.90 -13.59
N ALA D 30 23.74 -21.14 -14.75
CA ALA D 30 22.46 -20.50 -15.13
C ALA D 30 21.29 -20.97 -14.24
N THR D 31 21.30 -22.25 -13.88
CA THR D 31 20.32 -22.80 -12.94
C THR D 31 20.51 -22.19 -11.55
N THR D 32 21.77 -22.12 -11.09
CA THR D 32 22.11 -21.47 -9.82
C THR D 32 21.74 -19.98 -9.82
N LEU D 33 22.00 -19.29 -10.93
CA LEU D 33 21.72 -17.86 -11.07
C LEU D 33 20.23 -17.54 -11.06
N SER D 34 19.45 -18.34 -11.79
CA SER D 34 17.99 -18.18 -11.86
C SER D 34 17.32 -18.46 -10.51
N ASN D 35 17.70 -19.56 -9.87
CA ASN D 35 17.14 -19.96 -8.57
C ASN D 35 17.54 -19.03 -7.42
N ALA D 36 18.79 -18.56 -7.43
CA ALA D 36 19.30 -17.68 -6.37
C ALA D 36 18.58 -16.33 -6.30
N PHE D 37 18.30 -15.74 -7.46
CA PHE D 37 17.54 -14.48 -7.53
C PHE D 37 16.07 -14.66 -7.12
N VAL D 38 15.45 -15.76 -7.53
CA VAL D 38 14.04 -16.03 -7.19
C VAL D 38 13.82 -16.21 -5.69
N ILE D 39 14.74 -16.91 -5.02
CA ILE D 39 14.69 -17.08 -3.56
C ILE D 39 14.95 -15.73 -2.86
N ALA D 40 15.90 -14.96 -3.37
CA ALA D 40 16.25 -13.65 -2.83
C ALA D 40 15.13 -12.62 -2.97
N THR D 41 14.41 -12.66 -4.09
CA THR D 41 13.32 -11.72 -4.37
C THR D 41 12.11 -11.91 -3.45
N VAL D 42 11.76 -13.16 -3.15
CA VAL D 42 10.65 -13.48 -2.22
C VAL D 42 10.98 -13.02 -0.79
N TYR D 43 12.20 -13.30 -0.35
CA TYR D 43 12.65 -12.93 1.01
C TYR D 43 12.83 -11.40 1.17
N ARG D 44 13.40 -10.75 0.16
CA ARG D 44 13.65 -9.31 0.20
C ARG D 44 12.38 -8.48 0.09
N THR D 45 11.53 -8.82 -0.88
CA THR D 45 10.26 -8.11 -1.11
C THR D 45 9.24 -8.48 -0.03
N ARG D 46 8.65 -7.46 0.59
CA ARG D 46 7.66 -7.64 1.66
C ARG D 46 6.31 -8.12 1.15
N LYS D 47 5.89 -7.59 0.00
CA LYS D 47 4.61 -7.94 -0.64
C LYS D 47 4.48 -9.41 -1.03
N LEU D 48 5.60 -10.04 -1.40
CA LEU D 48 5.61 -11.44 -1.83
C LEU D 48 5.57 -12.49 -0.71
N HIS D 49 5.59 -12.06 0.56
CA HIS D 49 5.43 -12.97 1.70
C HIS D 49 4.00 -13.49 1.80
N THR D 50 3.71 -14.54 1.02
CA THR D 50 2.38 -15.16 0.96
C THR D 50 2.50 -16.68 0.77
N PRO D 51 1.48 -17.46 1.20
CA PRO D 51 1.53 -18.93 1.05
C PRO D 51 1.65 -19.45 -0.39
N ALA D 52 1.13 -18.71 -1.35
CA ALA D 52 1.26 -19.04 -2.77
C ALA D 52 2.70 -18.93 -3.27
N ASN D 53 3.37 -17.84 -2.89
CA ASN D 53 4.74 -17.57 -3.33
C ASN D 53 5.81 -18.44 -2.65
N TYR D 54 5.55 -18.90 -1.43
CA TYR D 54 6.48 -19.80 -0.72
C TYR D 54 6.63 -21.16 -1.41
N LEU D 55 5.58 -21.61 -2.10
CA LEU D 55 5.64 -22.82 -2.92
C LEU D 55 6.53 -22.63 -4.15
N ILE D 56 6.46 -21.45 -4.76
CA ILE D 56 7.34 -21.06 -5.88
C ILE D 56 8.77 -20.85 -5.38
N ALA D 57 8.92 -20.30 -4.18
CA ALA D 57 10.22 -20.12 -3.52
C ALA D 57 10.88 -21.46 -3.22
N SER D 58 10.12 -22.38 -2.63
CA SER D 58 10.61 -23.73 -2.31
C SER D 58 10.89 -24.58 -3.55
N LEU D 59 10.17 -24.33 -4.64
CA LEU D 59 10.48 -24.91 -5.96
C LEU D 59 11.86 -24.46 -6.45
N ALA D 60 12.17 -23.17 -6.25
CA ALA D 60 13.49 -22.63 -6.56
C ALA D 60 14.59 -23.17 -5.64
N VAL D 61 14.26 -23.42 -4.37
CA VAL D 61 15.18 -24.04 -3.40
C VAL D 61 15.55 -25.47 -3.79
N THR D 62 14.57 -26.26 -4.24
CA THR D 62 14.82 -27.62 -4.72
C THR D 62 15.69 -27.62 -5.97
N ASP D 63 15.34 -26.76 -6.93
CA ASP D 63 16.13 -26.59 -8.16
C ASP D 63 17.51 -25.99 -7.91
N LEU D 64 17.65 -25.20 -6.85
CA LEU D 64 18.96 -24.70 -6.40
C LEU D 64 19.83 -25.87 -5.89
N LEU D 65 19.22 -26.77 -5.12
CA LEU D 65 19.94 -27.96 -4.62
C LEU D 65 20.29 -28.96 -5.73
N VAL D 66 19.53 -28.97 -6.83
CA VAL D 66 19.95 -29.68 -8.05
C VAL D 66 21.23 -29.05 -8.61
N SER D 67 21.23 -27.73 -8.71
CA SER D 67 22.37 -26.97 -9.26
C SER D 67 23.63 -26.96 -8.38
N ILE D 68 23.49 -27.29 -7.10
CA ILE D 68 24.62 -27.35 -6.16
C ILE D 68 25.09 -28.79 -5.90
N LEU D 69 24.17 -29.66 -5.50
CA LEU D 69 24.50 -31.06 -5.17
C LEU D 69 24.80 -31.89 -6.42
N VAL D 70 23.86 -31.89 -7.36
CA VAL D 70 23.86 -32.80 -8.50
C VAL D 70 24.68 -32.27 -9.67
N MET D 71 24.37 -31.04 -10.09
CA MET D 71 24.93 -30.43 -11.30
C MET D 71 26.45 -30.51 -11.45
N PRO D 72 27.22 -29.93 -10.49
CA PRO D 72 28.68 -29.85 -10.70
C PRO D 72 29.41 -31.21 -10.66
N ILE D 73 28.83 -32.19 -9.96
CA ILE D 73 29.32 -33.56 -10.00
C ILE D 73 28.92 -34.27 -11.29
N SER D 74 27.72 -33.96 -11.79
CA SER D 74 27.21 -34.52 -13.05
C SER D 74 27.98 -34.05 -14.30
N THR D 75 28.57 -32.85 -14.25
CA THR D 75 29.40 -32.33 -15.34
C THR D 75 30.66 -33.17 -15.54
N MET D 76 31.32 -33.52 -14.45
CA MET D 76 32.50 -34.39 -14.48
C MET D 76 32.19 -35.82 -14.92
N TYR D 77 30.99 -36.30 -14.59
CA TYR D 77 30.54 -37.66 -14.95
C TYR D 77 30.35 -37.84 -16.45
N THR D 78 29.75 -36.83 -17.10
CA THR D 78 29.45 -36.88 -18.54
C THR D 78 30.71 -36.84 -19.41
N VAL D 79 31.61 -35.90 -19.11
CA VAL D 79 32.83 -35.70 -19.91
C VAL D 79 33.82 -36.87 -19.82
N THR D 80 34.02 -37.40 -18.60
CA THR D 80 34.98 -38.48 -18.36
C THR D 80 34.40 -39.85 -18.70
N GLY D 81 33.23 -40.14 -18.15
CA GLY D 81 32.62 -41.47 -18.22
C GLY D 81 33.35 -42.47 -17.33
N ARG D 82 33.74 -42.00 -16.15
CA ARG D 82 34.50 -42.79 -15.18
C ARG D 82 34.56 -42.06 -13.84
N TRP D 83 34.24 -42.76 -12.76
CA TRP D 83 34.11 -42.14 -11.44
C TRP D 83 35.47 -41.81 -10.83
N THR D 84 35.52 -40.71 -10.08
CA THR D 84 36.76 -40.23 -9.45
C THR D 84 36.48 -39.34 -8.24
N LEU D 85 35.74 -39.88 -7.28
CA LEU D 85 35.47 -39.18 -6.00
C LEU D 85 35.14 -40.11 -4.81
N GLY D 86 35.59 -41.36 -4.86
CA GLY D 86 35.30 -42.34 -3.81
C GLY D 86 33.88 -42.90 -3.85
N GLN D 87 33.69 -44.06 -3.23
CA GLN D 87 32.40 -44.75 -3.18
C GLN D 87 31.40 -44.10 -2.21
N VAL D 88 31.90 -43.33 -1.23
CA VAL D 88 31.04 -42.62 -0.28
C VAL D 88 30.26 -41.49 -0.93
N VAL D 89 30.97 -40.67 -1.72
CA VAL D 89 30.36 -39.54 -2.46
C VAL D 89 29.42 -40.04 -3.56
N CYS D 90 29.74 -41.18 -4.17
CA CYS D 90 28.87 -41.86 -5.13
C CYS D 90 27.50 -42.18 -4.52
N ASP D 91 27.52 -42.68 -3.28
CA ASP D 91 26.30 -42.98 -2.52
C ASP D 91 25.45 -41.74 -2.25
N PHE D 92 26.10 -40.63 -1.92
CA PHE D 92 25.40 -39.36 -1.65
C PHE D 92 24.86 -38.69 -2.91
N TRP D 93 25.61 -38.74 -4.02
CA TRP D 93 25.25 -38.04 -5.26
C TRP D 93 23.98 -38.59 -5.95
N LEU D 94 23.89 -39.91 -6.07
CA LEU D 94 22.75 -40.56 -6.75
C LEU D 94 21.44 -40.37 -5.98
N SER D 95 21.49 -40.66 -4.68
CA SER D 95 20.36 -40.48 -3.78
C SER D 95 19.88 -39.03 -3.75
N SER D 96 20.82 -38.10 -3.62
CA SER D 96 20.52 -36.66 -3.67
C SER D 96 19.93 -36.24 -5.03
N ASP D 97 20.47 -36.80 -6.11
CA ASP D 97 19.94 -36.59 -7.47
C ASP D 97 18.47 -37.03 -7.58
N ILE D 98 18.14 -38.17 -6.99
CA ILE D 98 16.77 -38.67 -6.97
C ILE D 98 15.86 -37.74 -6.15
N THR D 99 16.27 -37.47 -4.90
CA THR D 99 15.48 -36.62 -3.99
C THR D 99 15.23 -35.22 -4.55
N CYS D 100 16.27 -34.63 -5.13
CA CYS D 100 16.18 -33.27 -5.67
C CYS D 100 15.29 -33.17 -6.90
N CYS D 101 15.39 -34.16 -7.80
CA CYS D 101 14.54 -34.23 -8.98
C CYS D 101 13.18 -34.90 -8.72
N THR D 102 13.02 -35.52 -7.56
CA THR D 102 11.72 -36.00 -7.07
C THR D 102 11.01 -34.88 -6.28
N ALA D 103 11.77 -34.07 -5.56
CA ALA D 103 11.25 -32.88 -4.87
C ALA D 103 10.85 -31.80 -5.88
N SER D 104 11.71 -31.59 -6.88
CA SER D 104 11.42 -30.68 -7.99
C SER D 104 10.20 -31.10 -8.80
N ILE D 105 10.04 -32.41 -9.02
CA ILE D 105 8.84 -32.95 -9.68
C ILE D 105 7.60 -32.73 -8.81
N TRP D 106 7.66 -33.20 -7.56
CA TRP D 106 6.54 -33.11 -6.63
C TRP D 106 6.15 -31.68 -6.23
N HIS D 107 7.09 -30.74 -6.30
CA HIS D 107 6.79 -29.32 -6.05
C HIS D 107 5.82 -28.71 -7.06
N LEU D 108 5.91 -29.15 -8.32
CA LEU D 108 5.04 -28.64 -9.39
C LEU D 108 3.59 -29.11 -9.21
N CYS D 109 3.40 -30.39 -8.89
CA CYS D 109 2.08 -30.93 -8.62
C CYS D 109 1.51 -30.47 -7.27
N VAL D 110 2.38 -30.07 -6.34
CA VAL D 110 1.95 -29.43 -5.07
C VAL D 110 1.49 -27.98 -5.32
N ILE D 111 2.20 -27.24 -6.16
CA ILE D 111 1.74 -25.92 -6.63
C ILE D 111 0.44 -26.06 -7.44
N ALA D 112 0.35 -27.14 -8.23
CA ALA D 112 -0.86 -27.47 -8.98
C ALA D 112 -2.04 -27.76 -8.04
N LEU D 113 -1.77 -28.52 -6.98
CA LEU D 113 -2.77 -28.81 -5.94
C LEU D 113 -3.15 -27.57 -5.14
N ASP D 114 -2.20 -26.66 -4.93
CA ASP D 114 -2.46 -25.36 -4.30
C ASP D 114 -3.36 -24.50 -5.19
N ARG D 115 -3.03 -24.45 -6.48
CA ARG D 115 -3.84 -23.71 -7.46
C ARG D 115 -5.21 -24.33 -7.70
N TYR D 116 -5.27 -25.66 -7.79
CA TYR D 116 -6.55 -26.36 -8.03
C TYR D 116 -7.62 -25.94 -7.03
N TRP D 117 -7.28 -26.01 -5.75
CA TRP D 117 -8.16 -25.55 -4.67
C TRP D 117 -8.42 -24.04 -4.71
N ALA D 118 -7.42 -23.26 -5.13
CA ALA D 118 -7.56 -21.81 -5.31
C ALA D 118 -8.54 -21.40 -6.42
N ILE D 119 -8.69 -22.23 -7.44
CA ILE D 119 -9.63 -21.97 -8.54
C ILE D 119 -11.02 -22.57 -8.26
N THR D 120 -11.06 -23.88 -8.02
CA THR D 120 -12.34 -24.60 -7.88
C THR D 120 -13.09 -24.29 -6.57
N ASP D 121 -12.35 -24.20 -5.46
CA ASP D 121 -12.93 -23.88 -4.15
C ASP D 121 -12.91 -22.37 -3.93
N ALA D 122 -11.70 -21.80 -4.02
CA ALA D 122 -11.47 -20.34 -3.98
C ALA D 122 -11.87 -19.64 -2.68
N VAL D 123 -13.18 -19.47 -2.46
CA VAL D 123 -13.69 -18.76 -1.25
C VAL D 123 -13.46 -19.57 0.02
N GLU D 124 -13.56 -20.89 -0.09
CA GLU D 124 -13.32 -21.81 1.03
C GLU D 124 -11.82 -21.93 1.31
N TYR D 125 -11.04 -22.16 0.25
CA TYR D 125 -9.58 -22.34 0.36
C TYR D 125 -8.82 -21.05 0.71
N SER D 126 -9.42 -19.89 0.45
CA SER D 126 -8.82 -18.59 0.80
C SER D 126 -8.56 -18.45 2.31
N ALA D 127 -9.51 -18.92 3.11
CA ALA D 127 -9.37 -18.96 4.56
C ALA D 127 -8.35 -20.00 5.03
N LYS D 128 -8.35 -21.17 4.37
CA LYS D 128 -7.44 -22.27 4.73
C LYS D 128 -5.97 -21.99 4.44
N ARG D 129 -5.69 -21.27 3.35
CA ARG D 129 -4.31 -20.93 2.98
C ARG D 129 -3.61 -20.11 4.07
N THR D 130 -2.56 -20.70 4.63
CA THR D 130 -1.75 -20.09 5.68
C THR D 130 -0.29 -20.47 5.42
N PRO D 131 0.68 -19.62 5.84
CA PRO D 131 2.09 -20.02 5.78
C PRO D 131 2.48 -21.34 6.47
N LYS D 132 1.71 -21.78 7.46
CA LYS D 132 1.92 -23.09 8.10
C LYS D 132 1.45 -24.23 7.21
N ARG D 133 0.23 -24.16 6.69
CA ARG D 133 -0.28 -25.16 5.72
C ARG D 133 0.53 -25.19 4.43
N ALA D 134 1.13 -24.05 4.06
CA ALA D 134 2.12 -24.00 2.98
C ALA D 134 3.36 -24.82 3.34
N ALA D 135 3.88 -24.58 4.55
CA ALA D 135 5.06 -25.30 5.06
C ALA D 135 4.85 -26.81 5.26
N VAL D 136 3.61 -27.21 5.56
CA VAL D 136 3.25 -28.63 5.70
C VAL D 136 3.41 -29.37 4.37
N MET D 137 2.93 -28.77 3.27
CA MET D 137 3.04 -29.35 1.93
C MET D 137 4.49 -29.55 1.47
N ILE D 138 5.37 -28.60 1.81
CA ILE D 138 6.79 -28.70 1.47
C ILE D 138 7.47 -29.80 2.31
N ALA D 139 7.06 -29.93 3.57
CA ALA D 139 7.57 -30.98 4.45
C ALA D 139 7.22 -32.39 3.96
N LEU D 140 5.99 -32.56 3.48
CA LEU D 140 5.53 -33.84 2.93
C LEU D 140 6.32 -34.30 1.69
N VAL D 141 6.66 -33.34 0.83
CA VAL D 141 7.45 -33.64 -0.38
C VAL D 141 8.87 -34.07 -0.04
N TRP D 142 9.52 -33.34 0.87
CA TRP D 142 10.88 -33.70 1.32
C TRP D 142 10.93 -35.02 2.09
N VAL D 143 9.89 -35.30 2.88
CA VAL D 143 9.73 -36.59 3.56
C VAL D 143 9.48 -37.72 2.55
N PHE D 144 8.68 -37.42 1.51
CA PHE D 144 8.44 -38.38 0.41
C PHE D 144 9.68 -38.58 -0.45
N SER D 145 10.38 -37.50 -0.75
CA SER D 145 11.56 -37.53 -1.65
C SER D 145 12.68 -38.39 -1.08
N ILE D 146 13.08 -38.11 0.15
CA ILE D 146 14.15 -38.88 0.84
C ILE D 146 13.81 -40.36 1.03
N SER D 147 12.51 -40.67 1.19
CA SER D 147 12.05 -42.05 1.33
C SER D 147 12.00 -42.86 0.02
N ILE D 148 12.12 -42.17 -1.12
CA ILE D 148 12.33 -42.82 -2.43
C ILE D 148 13.82 -43.16 -2.63
N SER D 149 14.70 -42.32 -2.10
CA SER D 149 16.16 -42.56 -2.16
C SER D 149 16.69 -43.47 -1.06
N LEU D 150 15.90 -43.72 -0.02
CA LEU D 150 16.32 -44.53 1.13
C LEU D 150 16.46 -46.04 0.85
N PRO D 151 15.53 -46.63 0.05
CA PRO D 151 15.66 -48.06 -0.28
C PRO D 151 16.96 -48.50 -0.98
N PRO D 152 17.42 -47.79 -2.05
CA PRO D 152 18.70 -48.19 -2.66
C PRO D 152 19.92 -47.90 -1.78
N PHE D 153 20.18 -48.79 -0.83
CA PHE D 153 21.35 -48.76 0.05
C PHE D 153 21.78 -50.20 0.38
N PHE D 154 21.74 -51.06 -0.64
CA PHE D 154 22.04 -52.49 -0.50
C PHE D 154 23.53 -52.81 -0.66
N TRP D 155 24.27 -51.91 -1.32
CA TRP D 155 25.72 -52.04 -1.51
C TRP D 155 26.49 -52.28 -0.20
N SER D 165 33.84 -49.83 -11.83
CA SER D 165 34.45 -48.53 -11.50
C SER D 165 33.43 -47.38 -11.47
N GLU D 166 32.60 -47.30 -12.50
CA GLU D 166 31.67 -46.20 -12.70
C GLU D 166 30.52 -46.16 -11.69
N CYS D 167 30.07 -44.94 -11.38
CA CYS D 167 29.02 -44.69 -10.41
C CYS D 167 27.66 -44.62 -11.12
N VAL D 168 27.15 -45.78 -11.48
CA VAL D 168 25.82 -45.93 -12.06
C VAL D 168 24.78 -46.10 -10.96
N VAL D 169 23.50 -46.12 -11.35
CA VAL D 169 22.40 -46.35 -10.41
C VAL D 169 22.27 -47.86 -10.19
N ASN D 170 21.98 -48.25 -8.94
CA ASN D 170 21.95 -49.66 -8.54
C ASN D 170 20.57 -50.28 -8.77
N THR D 171 20.44 -51.02 -9.88
CA THR D 171 19.23 -51.81 -10.16
C THR D 171 19.42 -53.23 -9.62
N ASP D 172 18.50 -53.65 -8.75
CA ASP D 172 18.53 -55.00 -8.16
C ASP D 172 17.11 -55.57 -7.97
N HIS D 173 16.30 -54.92 -7.12
CA HIS D 173 14.87 -55.20 -7.09
C HIS D 173 14.26 -54.37 -8.22
N ILE D 174 13.70 -55.03 -9.23
CA ILE D 174 12.91 -54.36 -10.27
C ILE D 174 11.59 -53.81 -9.69
N LEU D 175 11.09 -54.46 -8.64
CA LEU D 175 9.92 -54.01 -7.89
C LEU D 175 10.11 -52.64 -7.22
N TYR D 176 11.34 -52.32 -6.85
CA TYR D 176 11.70 -51.00 -6.30
C TYR D 176 11.87 -49.95 -7.40
N THR D 177 12.38 -50.36 -8.56
CA THR D 177 12.51 -49.48 -9.73
C THR D 177 11.13 -49.01 -10.19
N VAL D 178 10.23 -49.95 -10.44
CA VAL D 178 8.84 -49.65 -10.85
C VAL D 178 8.08 -48.87 -9.76
N TYR D 179 8.39 -49.14 -8.49
CA TYR D 179 7.84 -48.39 -7.36
C TYR D 179 8.37 -46.95 -7.28
N SER D 180 9.66 -46.79 -7.55
CA SER D 180 10.32 -45.49 -7.51
C SER D 180 9.84 -44.57 -8.63
N THR D 181 9.95 -45.05 -9.88
CA THR D 181 9.61 -44.26 -11.07
C THR D 181 8.14 -43.78 -11.12
N VAL D 182 7.21 -44.65 -10.73
CA VAL D 182 5.78 -44.32 -10.77
C VAL D 182 5.43 -43.34 -9.65
N GLY D 183 5.94 -43.59 -8.45
CA GLY D 183 5.78 -42.69 -7.32
C GLY D 183 6.44 -41.33 -7.49
N ALA D 184 7.60 -41.32 -8.15
CA ALA D 184 8.39 -40.09 -8.36
C ALA D 184 8.32 -39.49 -9.77
N PHE D 185 7.34 -39.89 -10.57
CA PHE D 185 7.06 -39.23 -11.86
C PHE D 185 5.64 -39.46 -12.37
N TYR D 186 5.31 -40.71 -12.70
CA TYR D 186 4.04 -41.03 -13.39
C TYR D 186 2.78 -40.72 -12.57
N PHE D 187 2.87 -40.86 -11.25
CA PHE D 187 1.77 -40.45 -10.37
C PHE D 187 1.64 -38.92 -10.26
N PRO D 188 2.78 -38.18 -10.13
CA PRO D 188 2.73 -36.72 -10.36
C PRO D 188 2.23 -36.32 -11.75
N THR D 189 2.62 -37.06 -12.78
CA THR D 189 2.19 -36.81 -14.17
C THR D 189 0.67 -36.97 -14.31
N LEU D 190 0.15 -38.08 -13.80
CA LEU D 190 -1.29 -38.36 -13.79
C LEU D 190 -2.07 -37.38 -12.92
N LEU D 191 -1.45 -36.95 -11.81
CA LEU D 191 -2.04 -35.95 -10.92
C LEU D 191 -2.08 -34.56 -11.56
N LEU D 192 -0.94 -34.13 -12.09
CA LEU D 192 -0.77 -32.79 -12.67
C LEU D 192 -1.69 -32.54 -13.89
N ILE D 193 -1.79 -33.54 -14.77
CA ILE D 193 -2.66 -33.44 -15.95
C ILE D 193 -4.14 -33.45 -15.54
N ALA D 194 -4.49 -34.26 -14.54
CA ALA D 194 -5.85 -34.30 -13.98
C ALA D 194 -6.24 -33.00 -13.29
N LEU D 195 -5.30 -32.38 -12.58
CA LEU D 195 -5.53 -31.10 -11.90
C LEU D 195 -5.67 -29.96 -12.91
N TYR D 196 -4.65 -29.80 -13.76
CA TYR D 196 -4.65 -28.75 -14.81
C TYR D 196 -5.73 -28.96 -15.88
N GLY D 197 -6.15 -30.20 -16.08
CA GLY D 197 -7.33 -30.50 -16.90
C GLY D 197 -8.59 -29.91 -16.29
N ARG D 198 -8.76 -30.07 -14.98
CA ARG D 198 -9.89 -29.49 -14.24
C ARG D 198 -9.80 -27.97 -14.08
N ILE D 199 -8.58 -27.46 -13.91
CA ILE D 199 -8.35 -26.00 -13.79
C ILE D 199 -8.66 -25.28 -15.10
N TYR D 200 -8.26 -25.89 -16.23
CA TYR D 200 -8.52 -25.32 -17.56
C TYR D 200 -10.01 -25.25 -17.92
N VAL D 201 -10.78 -26.25 -17.47
CA VAL D 201 -12.25 -26.25 -17.62
C VAL D 201 -12.87 -25.14 -16.75
N GLU D 202 -12.38 -25.01 -15.53
CA GLU D 202 -12.78 -23.92 -14.62
C GLU D 202 -12.38 -22.54 -15.15
N ALA D 203 -11.22 -22.47 -15.81
CA ALA D 203 -10.71 -21.23 -16.39
C ALA D 203 -11.54 -20.76 -17.59
N ARG D 204 -11.83 -21.67 -18.52
CA ARG D 204 -12.63 -21.35 -19.71
C ARG D 204 -14.07 -20.93 -19.36
N SER D 205 -14.65 -21.61 -18.38
CA SER D 205 -15.99 -21.25 -17.88
C SER D 205 -16.01 -19.85 -17.26
N ARG D 206 -14.92 -19.46 -16.61
CA ARG D 206 -14.73 -18.09 -16.09
C ARG D 206 -14.53 -17.06 -17.21
N ILE D 207 -13.79 -17.43 -18.24
CA ILE D 207 -13.53 -16.54 -19.40
C ILE D 207 -14.83 -16.26 -20.16
N LEU D 208 -15.52 -17.33 -20.53
CA LEU D 208 -16.81 -17.24 -21.25
C LEU D 208 -17.94 -17.72 -20.35
N MET D 273 -11.43 -11.13 -24.91
CA MET D 273 -12.07 -12.32 -24.34
C MET D 273 -11.52 -13.61 -24.95
N ALA D 274 -11.53 -13.68 -26.28
CA ALA D 274 -10.92 -14.78 -27.02
C ALA D 274 -9.38 -14.72 -26.96
N ALA D 275 -8.84 -13.51 -26.82
CA ALA D 275 -7.41 -13.29 -26.60
C ALA D 275 -6.92 -13.84 -25.25
N ARG D 276 -7.77 -13.78 -24.24
CA ARG D 276 -7.46 -14.37 -22.94
C ARG D 276 -7.44 -15.88 -23.08
N GLU D 277 -8.48 -16.42 -23.72
CA GLU D 277 -8.56 -17.85 -24.01
C GLU D 277 -7.29 -18.35 -24.71
N ARG D 278 -6.73 -17.52 -25.59
CA ARG D 278 -5.44 -17.80 -26.23
C ARG D 278 -4.27 -17.89 -25.23
N LYS D 279 -4.24 -16.96 -24.27
CA LYS D 279 -3.26 -17.02 -23.17
C LYS D 279 -3.49 -18.22 -22.26
N ALA D 280 -4.76 -18.50 -21.95
CA ALA D 280 -5.12 -19.65 -21.10
C ALA D 280 -4.56 -20.96 -21.66
N THR D 281 -4.59 -21.10 -22.98
CA THR D 281 -4.02 -22.27 -23.67
C THR D 281 -2.49 -22.25 -23.64
N LYS D 282 -1.89 -21.08 -23.87
CA LYS D 282 -0.42 -20.95 -23.86
C LYS D 282 0.19 -21.06 -22.46
N THR D 283 -0.53 -20.54 -21.46
CA THR D 283 -0.12 -20.67 -20.05
C THR D 283 -0.17 -22.12 -19.60
N LEU D 284 -1.29 -22.79 -19.89
CA LEU D 284 -1.47 -24.21 -19.53
C LEU D 284 -0.48 -25.12 -20.27
N GLY D 285 -0.18 -24.76 -21.52
CA GLY D 285 0.76 -25.52 -22.36
C GLY D 285 2.21 -25.45 -21.91
N ILE D 286 2.65 -24.25 -21.51
CA ILE D 286 4.03 -24.05 -21.04
C ILE D 286 4.28 -24.65 -19.66
N ILE D 287 3.31 -24.54 -18.75
CA ILE D 287 3.43 -25.13 -17.41
C ILE D 287 3.46 -26.67 -17.49
N LEU D 288 2.50 -27.24 -18.20
CA LEU D 288 2.36 -28.68 -18.34
C LEU D 288 3.42 -29.28 -19.28
N GLY D 289 3.59 -28.66 -20.44
CA GLY D 289 4.51 -29.14 -21.48
C GLY D 289 5.98 -29.17 -21.08
N ALA D 290 6.44 -28.13 -20.39
CA ALA D 290 7.82 -28.05 -19.89
C ALA D 290 8.15 -29.18 -18.92
N PHE D 291 7.17 -29.56 -18.09
CA PHE D 291 7.30 -30.69 -17.17
C PHE D 291 7.40 -32.03 -17.91
N ILE D 292 6.50 -32.23 -18.88
CA ILE D 292 6.43 -33.49 -19.64
C ILE D 292 7.61 -33.63 -20.59
N VAL D 293 7.82 -32.64 -21.45
CA VAL D 293 8.88 -32.68 -22.50
C VAL D 293 10.28 -32.95 -21.93
N CYS D 294 10.57 -32.36 -20.77
CA CYS D 294 11.87 -32.53 -20.12
C CYS D 294 12.03 -33.90 -19.44
N TRP D 295 11.05 -34.28 -18.61
CA TRP D 295 11.17 -35.49 -17.77
C TRP D 295 10.67 -36.80 -18.40
N LEU D 296 9.63 -36.74 -19.23
CA LEU D 296 9.06 -37.95 -19.85
C LEU D 296 10.09 -38.80 -20.59
N PRO D 297 11.05 -38.18 -21.32
CA PRO D 297 12.13 -38.95 -21.94
C PRO D 297 12.99 -39.79 -20.98
N PHE D 298 13.27 -39.26 -19.79
CA PHE D 298 14.13 -39.97 -18.81
C PHE D 298 13.43 -41.14 -18.13
N PHE D 299 12.23 -40.89 -17.58
CA PHE D 299 11.47 -41.91 -16.87
C PHE D 299 10.85 -42.98 -17.78
N ILE D 300 10.78 -42.70 -19.08
CA ILE D 300 10.51 -43.73 -20.09
C ILE D 300 11.73 -44.67 -20.19
N ILE D 301 12.92 -44.08 -20.26
CA ILE D 301 14.21 -44.82 -20.24
C ILE D 301 14.34 -45.77 -19.04
N SER D 302 13.74 -45.39 -17.90
CA SER D 302 13.67 -46.27 -16.72
C SER D 302 13.00 -47.61 -17.02
N LEU D 303 11.85 -47.55 -17.71
CA LEU D 303 11.10 -48.75 -18.10
C LEU D 303 11.73 -49.50 -19.29
N VAL D 304 12.40 -48.77 -20.18
CA VAL D 304 13.13 -49.38 -21.31
C VAL D 304 14.35 -50.17 -20.83
N MET D 305 15.04 -49.67 -19.80
CA MET D 305 16.16 -50.37 -19.15
C MET D 305 15.81 -50.69 -17.69
N PRO D 306 15.03 -51.77 -17.46
CA PRO D 306 14.63 -52.13 -16.10
C PRO D 306 15.74 -52.82 -15.33
N TRP D 313 18.85 -51.74 -24.24
CA TRP D 313 18.08 -51.44 -25.45
C TRP D 313 18.88 -50.57 -26.41
N PHE D 314 19.37 -49.44 -25.91
CA PHE D 314 20.31 -48.57 -26.63
C PHE D 314 21.39 -48.07 -25.66
N HIS D 315 22.53 -47.69 -26.22
CA HIS D 315 23.69 -47.26 -25.42
C HIS D 315 23.49 -45.94 -24.68
N LEU D 316 24.34 -45.70 -23.69
CA LEU D 316 24.13 -44.68 -22.66
C LEU D 316 24.40 -43.21 -23.06
N ALA D 317 24.66 -42.95 -24.34
CA ALA D 317 24.79 -41.58 -24.85
C ALA D 317 23.48 -40.80 -24.68
N ILE D 318 22.37 -41.43 -25.04
CA ILE D 318 21.02 -40.83 -24.86
C ILE D 318 20.60 -40.66 -23.40
N PHE D 319 21.06 -41.54 -22.51
CA PHE D 319 20.79 -41.40 -21.07
C PHE D 319 21.36 -40.08 -20.53
N ASP D 320 22.64 -39.85 -20.80
CA ASP D 320 23.34 -38.62 -20.40
C ASP D 320 22.70 -37.34 -20.94
N PHE D 321 22.06 -37.44 -22.11
CA PHE D 321 21.28 -36.34 -22.69
C PHE D 321 20.00 -36.07 -21.89
N PHE D 322 19.25 -37.13 -21.57
CA PHE D 322 17.97 -37.00 -20.85
C PHE D 322 18.12 -36.60 -19.36
N THR D 323 19.28 -36.86 -18.77
CA THR D 323 19.57 -36.39 -17.42
C THR D 323 19.65 -34.87 -17.39
N TRP D 324 20.50 -34.32 -18.27
CA TRP D 324 20.66 -32.87 -18.43
C TRP D 324 19.45 -32.18 -19.06
N LEU D 325 18.62 -32.93 -19.80
CA LEU D 325 17.31 -32.44 -20.24
C LEU D 325 16.38 -32.28 -19.04
N GLY D 326 16.44 -33.23 -18.12
CA GLY D 326 15.74 -33.15 -16.83
C GLY D 326 16.26 -32.08 -15.90
N TYR D 327 17.57 -31.85 -15.91
CA TYR D 327 18.18 -30.73 -15.16
C TYR D 327 17.95 -29.39 -15.85
N LEU D 328 17.71 -29.43 -17.16
CA LEU D 328 17.26 -28.25 -17.92
C LEU D 328 15.87 -27.76 -17.50
N ASN D 329 15.05 -28.66 -16.98
CA ASN D 329 13.76 -28.31 -16.37
C ASN D 329 13.93 -27.43 -15.12
N SER D 330 14.97 -27.72 -14.34
CA SER D 330 15.24 -27.00 -13.08
C SER D 330 15.47 -25.49 -13.22
N LEU D 331 16.02 -25.07 -14.36
CA LEU D 331 16.14 -23.64 -14.69
C LEU D 331 14.91 -23.10 -15.43
N ILE D 332 14.24 -23.97 -16.19
CA ILE D 332 12.97 -23.63 -16.86
C ILE D 332 11.80 -23.48 -15.87
N ASN D 333 11.82 -24.22 -14.77
CA ASN D 333 10.74 -24.17 -13.75
C ASN D 333 10.52 -22.80 -13.07
N PRO D 334 11.59 -22.14 -12.58
CA PRO D 334 11.40 -20.80 -11.99
C PRO D 334 10.88 -19.76 -12.98
N ILE D 335 11.50 -19.69 -14.17
CA ILE D 335 11.15 -18.69 -15.19
C ILE D 335 9.70 -18.80 -15.71
N ILE D 336 9.12 -20.01 -15.69
CA ILE D 336 7.69 -20.20 -16.01
C ILE D 336 6.82 -19.63 -14.89
N TYR D 337 7.06 -20.14 -13.68
CA TYR D 337 6.20 -19.87 -12.52
C TYR D 337 6.31 -18.43 -12.01
N THR D 338 7.41 -17.77 -12.32
CA THR D 338 7.59 -16.35 -12.06
C THR D 338 7.03 -15.45 -13.16
N MET D 339 7.11 -15.90 -14.41
CA MET D 339 6.58 -15.15 -15.56
C MET D 339 5.08 -14.93 -15.50
N SER D 340 4.36 -15.95 -15.04
CA SER D 340 2.90 -15.86 -14.87
C SER D 340 2.48 -14.86 -13.80
N ASN D 341 3.25 -14.81 -12.71
CA ASN D 341 2.99 -13.88 -11.61
C ASN D 341 3.43 -12.47 -11.99
N GLU D 342 2.48 -11.53 -11.98
CA GLU D 342 2.75 -10.13 -12.34
C GLU D 342 3.51 -9.37 -11.24
N ASP D 343 3.22 -9.69 -9.98
CA ASP D 343 3.85 -9.03 -8.83
C ASP D 343 5.34 -9.31 -8.71
N PHE D 344 5.74 -10.56 -8.94
CA PHE D 344 7.14 -10.96 -8.91
C PHE D 344 7.92 -10.40 -10.10
N LYS D 345 7.36 -10.52 -11.30
CA LYS D 345 7.99 -10.01 -12.53
C LYS D 345 8.19 -8.49 -12.49
N GLN D 346 7.29 -7.79 -11.81
CA GLN D 346 7.47 -6.37 -11.49
C GLN D 346 8.57 -6.16 -10.44
N ALA D 347 8.55 -6.98 -9.39
CA ALA D 347 9.57 -6.96 -8.33
C ALA D 347 10.98 -7.31 -8.80
N PHE D 348 11.08 -8.19 -9.79
CA PHE D 348 12.36 -8.66 -10.32
C PHE D 348 13.11 -7.56 -11.09
N HIS D 349 12.37 -6.82 -11.93
CA HIS D 349 12.92 -5.67 -12.64
C HIS D 349 13.25 -4.50 -11.70
N LYS D 350 12.40 -4.28 -10.71
CA LYS D 350 12.62 -3.24 -9.70
C LYS D 350 13.86 -3.47 -8.83
N LEU D 351 14.20 -4.74 -8.60
CA LEU D 351 15.37 -5.11 -7.78
C LEU D 351 16.69 -4.88 -8.52
N ILE D 352 16.78 -5.38 -9.76
CA ILE D 352 18.02 -5.33 -10.55
C ILE D 352 17.90 -4.50 -11.84
N ARG D 353 17.28 -3.32 -11.71
CA ARG D 353 17.13 -2.35 -12.81
C ARG D 353 16.37 -2.91 -14.02
N2 EP5 E . 22.60 -48.03 -20.38
C10 EP5 E . 21.93 -47.68 -19.49
C7 EP5 E . 21.26 -47.36 -18.45
C8 EP5 E . 21.88 -47.29 -17.20
C9 EP5 E . 21.15 -46.93 -16.07
C6 EP5 E . 19.91 -47.07 -18.56
C5 EP5 E . 19.16 -46.70 -17.43
C4 EP5 E . 19.77 -46.62 -16.18
N1 EP5 E . 19.02 -46.27 -15.04
C EP5 E . 19.18 -46.99 -13.78
C1 EP5 E . 17.83 -47.62 -13.47
C3 EP5 E . 18.04 -45.19 -15.03
C2 EP5 E . 16.71 -45.77 -14.55
N EP5 E . 16.95 -46.47 -13.28
C11 EP5 E . 16.46 -46.14 -12.07
O EP5 E . 16.87 -46.66 -11.05
C12 EP5 E . 15.37 -45.12 -11.90
O1 EP5 E . 15.97 -43.93 -11.38
C13 EP5 E . 15.27 -42.86 -10.86
C14 EP5 E . 15.86 -41.59 -10.97
C15 EP5 E . 15.18 -40.50 -10.44
C16 EP5 E . 13.87 -40.66 -9.78
C17 EP5 E . 13.34 -41.94 -9.69
C18 EP5 E . 14.03 -43.02 -10.23
C20 EP5 E . 15.48 -39.05 -10.39
C19 EP5 E . 14.38 -38.49 -9.72
N3 EP5 E . 13.47 -39.44 -9.38
C21 EP5 E . 16.70 -38.30 -10.89
C22 EP5 E . 17.07 -38.68 -12.32
N4 EP5 E . 17.85 -37.62 -12.97
#